data_7R2R
#
_entry.id   7R2R
#
_cell.length_a   88.955
_cell.length_b   64.240
_cell.length_c   146.850
_cell.angle_alpha   90.000
_cell.angle_beta   91.380
_cell.angle_gamma   90.000
#
_symmetry.space_group_name_H-M   'I 1 2 1'
#
loop_
_entity.id
_entity.type
_entity.pdbx_description
1 polymer 'Anaerobic nitric oxide reductase flavorubredoxin'
2 non-polymer 'FLAVIN MONONUCLEOTIDE'
3 non-polymer 'FE (III) ION'
4 non-polymer 'OXYGEN ATOM'
5 non-polymer 'OXYGEN MOLECULE'
6 water water
#
_entity_poly.entity_id   1
_entity_poly.type   'polypeptide(L)'
_entity_poly.pdbx_seq_one_letter_code
;MSIVVKNNIHWVGQRDWEVRDFHGTEYKTLRGSSYNSYLIREEKNVLIDTVKHKFSREFVQNLRNEIDLADIDYIVINHA
EEDHAGALTELMAQIPDTPIYCTANAIDSINGHHHHPEWNFNVVKTGDTLDIGNGKQLIFVETPMLHWPDSMMTYLTGDA
VLFSNDAFGQHYCDEHLFNDEVDQTELFEQCQRYYANILTPFSRLVTPKITEILGFNLPVDMIATSHGVVWRDNPTQIVE
LYLKWAADYQEDRITIFYDTMYNNTRMMADAIAQGIAETDPRVAVKIFNVARSDKNEILTNVFRSKGVLVGTSTMNNVMM
PKIAGLVEEMTGLRFRNKRASAFGSHGWSGGAVDRLSTRLQDAGFEMSLSLKAKWRPDQDALKLCREHGREIARQWALAP
LPQSTVNTVVKEETSATTTADLGPRMQCSVCQWIYDPAKGEPMQDVAPGTPWSEVPDNFLCPECSLGKDVFEELASEAK
;
_entity_poly.pdbx_strand_id   A,B
#
loop_
_chem_comp.id
_chem_comp.type
_chem_comp.name
_chem_comp.formula
FE non-polymer 'FE (III) ION' 'Fe 3'
FMN non-polymer 'FLAVIN MONONUCLEOTIDE' 'C17 H21 N4 O9 P'
O non-polymer 'OXYGEN ATOM' O
OXY non-polymer 'OXYGEN MOLECULE' O2
#
# COMPACT_ATOMS: atom_id res chain seq x y z
N SER A 2 -11.91 23.65 -13.99
CA SER A 2 -12.31 23.78 -12.59
C SER A 2 -13.55 22.95 -12.29
N ILE A 3 -13.79 22.70 -11.01
CA ILE A 3 -14.93 21.89 -10.57
C ILE A 3 -15.78 22.64 -9.57
N VAL A 4 -17.10 22.57 -9.75
CA VAL A 4 -18.04 23.21 -8.82
C VAL A 4 -18.16 22.40 -7.53
N VAL A 5 -17.80 23.03 -6.42
CA VAL A 5 -17.92 22.40 -5.12
C VAL A 5 -19.35 22.53 -4.59
N LYS A 6 -19.83 23.77 -4.53
CA LYS A 6 -21.18 24.06 -4.07
C LYS A 6 -21.56 25.48 -4.48
N ASN A 7 -22.68 25.61 -5.18
CA ASN A 7 -23.18 26.91 -5.65
C ASN A 7 -22.13 27.70 -6.43
N ASN A 8 -21.60 28.74 -5.80
CA ASN A 8 -20.60 29.60 -6.45
C ASN A 8 -19.16 29.31 -6.01
N ILE A 9 -18.97 28.20 -5.31
CA ILE A 9 -17.64 27.80 -4.88
C ILE A 9 -17.00 26.91 -5.94
N HIS A 10 -15.85 27.32 -6.45
CA HIS A 10 -15.17 26.58 -7.50
C HIS A 10 -13.81 26.07 -7.05
N TRP A 11 -13.51 24.83 -7.41
CA TRP A 11 -12.21 24.22 -7.12
C TRP A 11 -11.22 24.57 -8.22
N VAL A 12 -10.15 25.27 -7.85
CA VAL A 12 -9.15 25.69 -8.81
C VAL A 12 -7.76 25.22 -8.40
N GLY A 13 -7.71 24.03 -7.80
CA GLY A 13 -6.46 23.49 -7.28
C GLY A 13 -5.69 22.67 -8.30
N GLN A 14 -4.83 21.81 -7.80
CA GLN A 14 -3.96 21.00 -8.66
C GLN A 14 -3.83 19.57 -8.13
N ARG A 15 -4.06 18.60 -9.00
CA ARG A 15 -3.83 17.20 -8.67
C ARG A 15 -2.38 16.83 -8.93
N ASP A 16 -1.82 15.98 -8.07
CA ASP A 16 -0.43 15.55 -8.21
C ASP A 16 -0.33 14.02 -8.12
N TRP A 17 -0.36 13.37 -9.28
CA TRP A 17 -0.33 11.91 -9.33
C TRP A 17 1.08 11.34 -9.11
N GLU A 18 2.10 12.12 -9.42
CA GLU A 18 3.48 11.64 -9.39
C GLU A 18 4.19 11.78 -8.04
N VAL A 19 3.73 12.73 -7.23
CA VAL A 19 4.44 13.07 -5.99
C VAL A 19 4.61 11.86 -5.06
N ARG A 20 5.85 11.68 -4.58
CA ARG A 20 6.16 10.57 -3.69
C ARG A 20 6.95 11.03 -2.46
N ASP A 21 7.47 12.25 -2.51
CA ASP A 21 8.31 12.75 -1.43
C ASP A 21 7.81 14.07 -0.83
N PHE A 22 7.43 14.03 0.44
CA PHE A 22 7.05 15.23 1.18
C PHE A 22 7.98 15.42 2.37
N HIS A 23 8.14 16.67 2.79
CA HIS A 23 9.07 17.03 3.87
C HIS A 23 10.46 16.49 3.58
N GLY A 24 10.96 16.78 2.39
CA GLY A 24 12.20 16.19 1.93
C GLY A 24 11.91 14.78 1.43
N THR A 25 12.28 13.79 2.24
CA THR A 25 11.96 12.40 1.94
C THR A 25 11.40 11.70 3.17
N GLU A 26 10.89 12.48 4.11
CA GLU A 26 10.44 11.93 5.39
C GLU A 26 8.95 11.57 5.39
N TYR A 27 8.24 11.98 4.35
CA TYR A 27 6.85 11.56 4.19
C TYR A 27 6.60 11.03 2.77
N LYS A 28 6.43 9.72 2.66
CA LYS A 28 6.17 9.09 1.37
C LYS A 28 4.68 9.12 1.04
N THR A 29 4.34 9.78 -0.06
CA THR A 29 2.97 9.80 -0.54
C THR A 29 2.78 8.76 -1.63
N LEU A 30 2.46 7.53 -1.24
CA LEU A 30 2.39 6.40 -2.16
C LEU A 30 1.20 6.48 -3.11
N ARG A 31 0.19 7.28 -2.77
CA ARG A 31 -0.98 7.44 -3.62
C ARG A 31 -1.14 8.88 -4.09
N GLY A 32 -0.02 9.57 -4.28
CA GLY A 32 -0.04 10.95 -4.74
C GLY A 32 -0.70 11.89 -3.76
N SER A 33 -1.08 13.07 -4.25
CA SER A 33 -1.72 14.08 -3.41
C SER A 33 -2.42 15.13 -4.27
N SER A 34 -3.05 16.08 -3.60
CA SER A 34 -3.67 17.21 -4.28
C SER A 34 -3.50 18.48 -3.46
N TYR A 35 -3.50 19.62 -4.14
CA TYR A 35 -3.38 20.91 -3.47
C TYR A 35 -4.61 21.73 -3.79
N ASN A 36 -5.57 21.75 -2.88
CA ASN A 36 -6.87 22.34 -3.14
C ASN A 36 -6.90 23.86 -2.95
N SER A 37 -7.28 24.56 -4.01
CA SER A 37 -7.49 26.00 -3.94
C SER A 37 -8.93 26.29 -4.35
N TYR A 38 -9.53 27.31 -3.75
CA TYR A 38 -10.95 27.58 -3.96
C TYR A 38 -11.24 29.03 -4.35
N LEU A 39 -12.13 29.21 -5.32
CA LEU A 39 -12.56 30.52 -5.76
C LEU A 39 -14.04 30.73 -5.49
N ILE A 40 -14.36 31.66 -4.60
CA ILE A 40 -15.74 31.97 -4.28
C ILE A 40 -16.19 33.21 -5.05
N ARG A 41 -17.31 33.10 -5.76
CA ARG A 41 -17.76 34.20 -6.62
C ARG A 41 -19.16 34.70 -6.23
N GLU A 42 -19.20 35.63 -5.29
CA GLU A 42 -20.44 36.31 -4.94
C GLU A 42 -20.38 37.75 -5.44
N GLU A 43 -20.79 38.70 -4.61
CA GLU A 43 -20.62 40.11 -4.94
C GLU A 43 -19.12 40.43 -4.94
N LYS A 44 -18.41 39.82 -4.02
CA LYS A 44 -16.95 39.89 -3.99
C LYS A 44 -16.37 38.55 -4.44
N ASN A 45 -15.19 38.60 -5.07
CA ASN A 45 -14.50 37.39 -5.50
C ASN A 45 -13.35 37.07 -4.57
N VAL A 46 -13.36 35.87 -3.99
CA VAL A 46 -12.36 35.49 -3.00
C VAL A 46 -11.60 34.23 -3.40
N LEU A 47 -10.27 34.32 -3.40
CA LEU A 47 -9.42 33.16 -3.64
C LEU A 47 -8.84 32.64 -2.33
N ILE A 48 -9.11 31.37 -2.04
CA ILE A 48 -8.61 30.76 -0.80
C ILE A 48 -7.45 29.82 -1.07
N ASP A 49 -6.26 30.21 -0.58
CA ASP A 49 -5.02 29.46 -0.75
C ASP A 49 -4.61 29.32 -2.22
N THR A 50 -3.39 28.85 -2.44
CA THR A 50 -2.92 28.58 -3.80
C THR A 50 -2.44 27.13 -3.88
N VAL A 51 -1.38 26.90 -4.64
CA VAL A 51 -0.84 25.55 -4.80
C VAL A 51 0.67 25.53 -4.64
N LYS A 52 1.25 24.35 -4.80
CA LYS A 52 2.69 24.17 -4.74
C LYS A 52 3.37 25.00 -5.83
N HIS A 53 4.57 25.51 -5.53
CA HIS A 53 5.26 26.41 -6.45
C HIS A 53 5.55 25.74 -7.79
N LYS A 54 5.80 24.44 -7.74
CA LYS A 54 6.01 23.62 -8.94
C LYS A 54 4.95 23.85 -10.01
N PHE A 55 3.69 23.97 -9.59
CA PHE A 55 2.58 24.15 -10.52
C PHE A 55 2.07 25.59 -10.58
N SER A 56 2.96 26.55 -10.35
CA SER A 56 2.57 27.96 -10.29
C SER A 56 2.09 28.48 -11.64
N ARG A 57 2.77 28.09 -12.71
CA ARG A 57 2.43 28.57 -14.05
C ARG A 57 1.09 27.99 -14.52
N GLU A 58 0.80 26.76 -14.12
CA GLU A 58 -0.49 26.14 -14.46
C GLU A 58 -1.61 26.77 -13.64
N PHE A 59 -1.33 27.04 -12.37
CA PHE A 59 -2.31 27.60 -11.45
C PHE A 59 -2.83 28.96 -11.92
N VAL A 60 -1.91 29.85 -12.27
CA VAL A 60 -2.28 31.18 -12.73
C VAL A 60 -3.03 31.12 -14.05
N GLN A 61 -2.55 30.28 -14.97
CA GLN A 61 -3.17 30.14 -16.28
C GLN A 61 -4.58 29.56 -16.15
N ASN A 62 -4.75 28.55 -15.31
CA ASN A 62 -6.05 27.97 -15.06
C ASN A 62 -6.98 28.96 -14.38
N LEU A 63 -6.40 29.83 -13.56
CA LEU A 63 -7.16 30.85 -12.85
C LEU A 63 -7.65 31.93 -13.81
N ARG A 64 -6.84 32.25 -14.81
CA ARG A 64 -7.21 33.21 -15.84
C ARG A 64 -8.41 32.71 -16.65
N ASN A 65 -8.42 31.41 -16.94
CA ASN A 65 -9.49 30.79 -17.70
C ASN A 65 -10.80 30.79 -16.93
N GLU A 66 -10.71 30.91 -15.60
CA GLU A 66 -11.89 30.89 -14.74
C GLU A 66 -12.40 32.31 -14.46
N ILE A 67 -11.48 33.25 -14.33
CA ILE A 67 -11.84 34.61 -13.96
C ILE A 67 -10.72 35.60 -14.32
N ASP A 68 -11.08 36.83 -14.63
CA ASP A 68 -10.10 37.90 -14.83
C ASP A 68 -9.41 38.17 -13.49
N LEU A 69 -8.09 38.19 -13.50
CA LEU A 69 -7.32 38.33 -12.26
C LEU A 69 -7.59 39.65 -11.56
N ALA A 70 -7.97 40.67 -12.32
CA ALA A 70 -8.27 41.98 -11.75
C ALA A 70 -9.59 41.99 -10.99
N ASP A 71 -10.42 40.97 -11.25
CA ASP A 71 -11.72 40.87 -10.61
C ASP A 71 -11.66 40.16 -9.26
N ILE A 72 -10.49 39.59 -8.95
CA ILE A 72 -10.28 38.98 -7.64
C ILE A 72 -10.15 40.06 -6.57
N ASP A 73 -11.07 40.04 -5.60
CA ASP A 73 -11.10 41.07 -4.57
C ASP A 73 -10.18 40.75 -3.39
N TYR A 74 -10.31 39.56 -2.83
CA TYR A 74 -9.52 39.19 -1.66
C TYR A 74 -8.80 37.85 -1.84
N ILE A 75 -7.64 37.73 -1.20
CA ILE A 75 -6.91 36.46 -1.16
C ILE A 75 -6.76 36.00 0.29
N VAL A 76 -7.16 34.77 0.56
CA VAL A 76 -7.06 34.22 1.91
C VAL A 76 -5.98 33.13 1.99
N ILE A 77 -5.04 33.32 2.91
CA ILE A 77 -3.99 32.33 3.14
C ILE A 77 -4.13 31.71 4.53
N ASN A 78 -4.71 30.52 4.60
CA ASN A 78 -4.89 29.81 5.86
C ASN A 78 -3.56 29.31 6.41
N HIS A 79 -2.58 29.14 5.52
CA HIS A 79 -1.35 28.43 5.83
C HIS A 79 -0.30 28.73 4.77
N ALA A 80 0.88 29.16 5.20
CA ALA A 80 1.88 29.66 4.27
C ALA A 80 2.98 28.65 3.95
N GLU A 81 2.70 27.37 4.15
CA GLU A 81 3.65 26.33 3.76
C GLU A 81 3.68 26.25 2.25
N GLU A 82 4.84 25.91 1.70
CA GLU A 82 5.10 25.99 0.26
C GLU A 82 4.09 25.25 -0.62
N ASP A 83 3.43 24.24 -0.05
CA ASP A 83 2.48 23.45 -0.82
C ASP A 83 1.12 24.12 -0.93
N HIS A 84 0.98 25.31 -0.33
CA HIS A 84 -0.29 26.04 -0.38
C HIS A 84 -0.08 27.50 -0.75
N ALA A 85 1.11 28.03 -0.46
CA ALA A 85 1.39 29.43 -0.74
C ALA A 85 2.57 29.59 -1.69
N GLY A 86 2.96 28.48 -2.33
CA GLY A 86 4.10 28.47 -3.21
C GLY A 86 3.94 29.27 -4.49
N ALA A 87 2.70 29.38 -4.97
CA ALA A 87 2.43 30.10 -6.21
C ALA A 87 2.00 31.54 -5.96
N LEU A 88 2.22 32.02 -4.73
CA LEU A 88 1.75 33.35 -4.34
C LEU A 88 2.53 34.47 -5.04
N THR A 89 3.85 34.35 -5.11
CA THR A 89 4.69 35.35 -5.74
C THR A 89 4.33 35.52 -7.22
N GLU A 90 4.09 34.39 -7.89
CA GLU A 90 3.71 34.38 -9.30
C GLU A 90 2.37 35.12 -9.51
N LEU A 91 1.44 34.90 -8.59
CA LEU A 91 0.13 35.53 -8.67
C LEU A 91 0.17 37.02 -8.34
N MET A 92 0.88 37.38 -7.28
CA MET A 92 0.94 38.77 -6.84
C MET A 92 1.72 39.64 -7.82
N ALA A 93 2.49 39.02 -8.70
CA ALA A 93 3.22 39.75 -9.73
C ALA A 93 2.23 40.34 -10.75
N GLN A 94 1.06 39.73 -10.85
CA GLN A 94 0.04 40.19 -11.78
C GLN A 94 -0.94 41.14 -11.10
N ILE A 95 -1.21 40.90 -9.82
CA ILE A 95 -2.12 41.75 -9.05
C ILE A 95 -1.55 42.13 -7.68
N PRO A 96 -0.55 43.03 -7.67
CA PRO A 96 0.19 43.39 -6.45
C PRO A 96 -0.63 44.17 -5.40
N ASP A 97 -1.78 44.71 -5.80
CA ASP A 97 -2.56 45.54 -4.88
C ASP A 97 -3.65 44.76 -4.14
N THR A 98 -3.82 43.50 -4.50
CA THR A 98 -4.86 42.67 -3.90
C THR A 98 -4.55 42.35 -2.44
N PRO A 99 -5.49 42.67 -1.54
CA PRO A 99 -5.33 42.45 -0.10
C PRO A 99 -5.20 40.97 0.27
N ILE A 100 -4.36 40.68 1.26
CA ILE A 100 -4.18 39.33 1.74
C ILE A 100 -4.66 39.21 3.18
N TYR A 101 -5.61 38.31 3.42
CA TYR A 101 -6.12 38.08 4.76
C TYR A 101 -5.49 36.83 5.37
N CYS A 102 -4.86 37.00 6.52
CA CYS A 102 -4.14 35.92 7.18
C CYS A 102 -3.87 36.24 8.65
N THR A 103 -3.29 35.30 9.37
CA THR A 103 -2.96 35.53 10.78
C THR A 103 -1.71 36.39 10.91
N ALA A 104 -1.48 36.92 12.10
CA ALA A 104 -0.29 37.73 12.36
C ALA A 104 0.98 36.91 12.16
N ASN A 105 0.94 35.65 12.54
CA ASN A 105 2.07 34.75 12.36
C ASN A 105 2.33 34.46 10.88
N ALA A 106 1.28 34.56 10.08
CA ALA A 106 1.38 34.27 8.65
C ALA A 106 2.18 35.35 7.91
N ILE A 107 2.13 36.58 8.41
CA ILE A 107 2.91 37.67 7.82
C ILE A 107 4.40 37.33 7.92
N ASP A 108 4.79 36.73 9.03
CA ASP A 108 6.17 36.32 9.24
C ASP A 108 6.55 35.18 8.31
N SER A 109 5.64 34.22 8.13
CA SER A 109 5.93 33.03 7.33
C SER A 109 5.84 33.31 5.83
N ILE A 110 4.90 34.15 5.44
CA ILE A 110 4.78 34.54 4.03
C ILE A 110 5.99 35.34 3.59
N ASN A 111 6.34 36.36 4.38
CA ASN A 111 7.51 37.18 4.08
C ASN A 111 8.80 36.37 4.17
N GLY A 112 8.80 35.36 5.04
CA GLY A 112 9.96 34.49 5.19
C GLY A 112 10.24 33.67 3.94
N HIS A 113 9.19 33.35 3.20
CA HIS A 113 9.34 32.55 1.98
C HIS A 113 9.45 33.41 0.72
N HIS A 114 8.70 34.51 0.68
CA HIS A 114 8.53 35.28 -0.56
C HIS A 114 9.30 36.58 -0.61
N HIS A 115 9.63 37.13 0.56
CA HIS A 115 10.41 38.36 0.67
C HIS A 115 9.73 39.55 -0.02
N HIS A 116 8.41 39.62 0.09
CA HIS A 116 7.67 40.77 -0.43
C HIS A 116 6.80 41.38 0.66
N PRO A 117 7.43 42.07 1.62
CA PRO A 117 6.68 42.65 2.74
C PRO A 117 5.79 43.83 2.33
N GLU A 118 5.97 44.32 1.11
CA GLU A 118 5.21 45.46 0.62
C GLU A 118 3.78 45.09 0.27
N TRP A 119 3.50 43.79 0.25
CA TRP A 119 2.14 43.29 -0.01
C TRP A 119 1.16 43.81 1.04
N ASN A 120 -0.12 43.90 0.66
CA ASN A 120 -1.14 44.45 1.53
C ASN A 120 -1.76 43.40 2.44
N PHE A 121 -1.16 43.21 3.61
CA PHE A 121 -1.60 42.19 4.55
C PHE A 121 -2.72 42.69 5.46
N ASN A 122 -3.69 41.82 5.75
CA ASN A 122 -4.74 42.13 6.71
C ASN A 122 -4.79 41.08 7.82
N VAL A 123 -4.32 41.47 9.00
CA VAL A 123 -4.30 40.55 10.15
C VAL A 123 -5.72 40.25 10.62
N VAL A 124 -6.03 38.95 10.71
CA VAL A 124 -7.32 38.52 11.23
C VAL A 124 -7.13 37.66 12.47
N LYS A 125 -8.12 37.68 13.35
CA LYS A 125 -8.13 36.81 14.52
C LYS A 125 -9.48 36.12 14.64
N THR A 126 -9.57 35.16 15.55
CA THR A 126 -10.79 34.36 15.70
C THR A 126 -12.02 35.21 15.98
N GLY A 127 -13.04 35.08 15.14
CA GLY A 127 -14.26 35.83 15.30
C GLY A 127 -14.42 36.94 14.28
N ASP A 128 -13.32 37.34 13.65
CA ASP A 128 -13.35 38.38 12.65
C ASP A 128 -14.13 37.92 11.42
N THR A 129 -14.84 38.85 10.80
CA THR A 129 -15.69 38.52 9.66
C THR A 129 -15.30 39.30 8.42
N LEU A 130 -15.68 38.77 7.26
CA LEU A 130 -15.43 39.45 5.99
C LEU A 130 -16.62 39.22 5.05
N ASP A 131 -17.40 40.27 4.83
CA ASP A 131 -18.57 40.19 3.98
C ASP A 131 -18.20 40.07 2.50
N ILE A 132 -18.88 39.19 1.79
CA ILE A 132 -18.63 39.00 0.37
C ILE A 132 -19.90 39.22 -0.45
N GLY A 133 -20.97 39.63 0.22
CA GLY A 133 -22.21 39.96 -0.45
C GLY A 133 -23.23 38.83 -0.47
N ASN A 134 -24.43 39.15 -0.94
CA ASN A 134 -25.52 38.18 -1.04
C ASN A 134 -25.85 37.50 0.29
N GLY A 135 -25.66 38.22 1.39
CA GLY A 135 -25.99 37.70 2.70
C GLY A 135 -24.99 36.72 3.24
N LYS A 136 -23.85 36.58 2.56
CA LYS A 136 -22.81 35.64 2.96
C LYS A 136 -21.55 36.36 3.46
N GLN A 137 -20.80 35.69 4.31
CA GLN A 137 -19.56 36.26 4.86
C GLN A 137 -18.58 35.16 5.26
N LEU A 138 -17.31 35.55 5.38
CA LEU A 138 -16.27 34.63 5.84
C LEU A 138 -15.97 34.86 7.31
N ILE A 139 -15.86 33.78 8.07
CA ILE A 139 -15.49 33.85 9.48
C ILE A 139 -14.16 33.15 9.71
N PHE A 140 -13.22 33.85 10.33
CA PHE A 140 -11.88 33.33 10.54
C PHE A 140 -11.69 32.71 11.93
N VAL A 141 -11.01 31.58 11.98
CA VAL A 141 -10.72 30.91 13.24
C VAL A 141 -9.24 30.53 13.32
N GLU A 142 -8.54 31.11 14.28
CA GLU A 142 -7.11 30.84 14.46
C GLU A 142 -6.87 29.44 15.02
N THR A 143 -5.95 28.70 14.39
CA THR A 143 -5.55 27.40 14.89
C THR A 143 -4.04 27.27 14.99
N PRO A 144 -3.42 28.03 15.92
CA PRO A 144 -1.96 28.00 16.04
C PRO A 144 -1.42 26.63 16.43
N MET A 145 -0.28 26.26 15.84
CA MET A 145 0.36 24.96 16.06
C MET A 145 -0.52 23.79 15.63
N LEU A 146 -1.38 24.04 14.65
CA LEU A 146 -2.14 22.96 14.01
C LEU A 146 -2.08 23.10 12.49
N HIS A 147 -0.94 22.81 11.88
CA HIS A 147 0.24 22.31 12.59
C HIS A 147 1.33 23.37 12.70
N TRP A 148 1.03 24.59 12.23
CA TRP A 148 1.99 25.69 12.26
C TRP A 148 1.45 26.85 13.09
N PRO A 149 2.34 27.74 13.55
CA PRO A 149 1.92 28.96 14.25
C PRO A 149 0.99 29.85 13.42
N ASP A 150 1.07 29.75 12.10
CA ASP A 150 0.32 30.65 11.22
C ASP A 150 -1.02 30.06 10.77
N SER A 151 -1.27 28.82 11.17
CA SER A 151 -2.44 28.08 10.70
C SER A 151 -3.76 28.68 11.17
N MET A 152 -4.75 28.68 10.29
CA MET A 152 -6.10 29.10 10.63
C MET A 152 -7.11 28.42 9.71
N MET A 153 -8.39 28.55 10.04
CA MET A 153 -9.45 28.03 9.17
C MET A 153 -10.38 29.16 8.76
N THR A 154 -11.07 28.98 7.65
CA THR A 154 -12.03 29.97 7.17
C THR A 154 -13.40 29.33 6.97
N TYR A 155 -14.41 29.92 7.59
CA TYR A 155 -15.79 29.42 7.48
C TYR A 155 -16.65 30.35 6.63
N LEU A 156 -17.38 29.76 5.68
CA LEU A 156 -18.29 30.51 4.82
C LEU A 156 -19.75 30.31 5.24
N THR A 157 -20.41 31.39 5.63
CA THR A 157 -21.80 31.33 6.06
C THR A 157 -22.73 31.09 4.88
N GLY A 158 -23.93 30.60 5.16
CA GLY A 158 -24.91 30.29 4.14
C GLY A 158 -24.63 28.96 3.48
N ASP A 159 -23.53 28.88 2.75
CA ASP A 159 -23.12 27.64 2.09
C ASP A 159 -22.64 26.63 3.13
N ALA A 160 -22.28 27.14 4.31
CA ALA A 160 -21.83 26.31 5.42
C ALA A 160 -20.64 25.43 5.05
N VAL A 161 -19.61 26.05 4.49
CA VAL A 161 -18.40 25.33 4.09
C VAL A 161 -17.20 25.74 4.95
N LEU A 162 -16.57 24.76 5.58
CA LEU A 162 -15.39 25.02 6.39
C LEU A 162 -14.12 24.73 5.60
N PHE A 163 -13.35 25.78 5.33
CA PHE A 163 -12.04 25.63 4.71
C PHE A 163 -11.02 25.42 5.80
N SER A 164 -10.66 24.16 6.02
CA SER A 164 -9.84 23.78 7.17
C SER A 164 -8.36 23.61 6.83
N ASN A 165 -8.02 23.85 5.57
CA ASN A 165 -6.65 23.69 5.09
C ASN A 165 -6.12 22.28 5.38
N ASP A 166 -4.98 22.19 6.06
CA ASP A 166 -4.34 20.90 6.33
C ASP A 166 -5.19 19.98 7.21
N ALA A 167 -5.92 20.56 8.15
CA ALA A 167 -6.74 19.78 9.07
C ALA A 167 -7.80 18.95 8.34
N PHE A 168 -7.97 17.72 8.80
CA PHE A 168 -8.94 16.77 8.23
C PHE A 168 -8.63 16.39 6.78
N GLY A 169 -7.47 16.81 6.28
CA GLY A 169 -7.06 16.50 4.92
C GLY A 169 -6.20 15.25 4.86
N GLN A 170 -5.86 14.83 3.65
CA GLN A 170 -5.03 13.66 3.45
C GLN A 170 -4.36 13.66 2.08
N HIS A 171 -3.26 12.94 1.96
CA HIS A 171 -2.57 12.84 0.67
C HIS A 171 -3.15 11.70 -0.14
N TYR A 172 -4.19 12.01 -0.90
CA TYR A 172 -4.89 11.03 -1.74
C TYR A 172 -5.35 11.70 -3.03
N CYS A 173 -4.83 11.22 -4.16
CA CYS A 173 -5.15 11.83 -5.44
C CYS A 173 -6.22 11.04 -6.18
N ASP A 174 -7.23 11.76 -6.67
CA ASP A 174 -8.33 11.14 -7.39
C ASP A 174 -9.00 12.18 -8.29
N GLU A 175 -9.56 11.74 -9.40
CA GLU A 175 -10.24 12.64 -10.32
C GLU A 175 -11.54 13.14 -9.71
N HIS A 176 -12.15 12.33 -8.87
CA HIS A 176 -13.37 12.72 -8.17
C HIS A 176 -13.03 13.58 -6.95
N LEU A 177 -13.89 14.56 -6.68
CA LEU A 177 -13.59 15.57 -5.67
C LEU A 177 -14.13 15.23 -4.28
N PHE A 178 -15.25 14.51 -4.24
CA PHE A 178 -15.96 14.30 -2.98
C PHE A 178 -15.68 12.94 -2.34
N ASN A 179 -15.83 12.89 -1.02
CA ASN A 179 -15.44 11.72 -0.23
C ASN A 179 -16.27 10.48 -0.54
N ASP A 180 -17.52 10.69 -0.94
CA ASP A 180 -18.43 9.59 -1.24
C ASP A 180 -18.19 9.05 -2.65
N GLU A 181 -17.24 9.63 -3.36
CA GLU A 181 -16.95 9.24 -4.73
C GLU A 181 -15.66 8.43 -4.87
N VAL A 182 -14.97 8.22 -3.76
CA VAL A 182 -13.69 7.51 -3.79
C VAL A 182 -13.70 6.24 -2.93
N ASP A 183 -12.64 5.46 -3.04
CA ASP A 183 -12.51 4.23 -2.25
C ASP A 183 -12.33 4.55 -0.77
N GLN A 184 -13.24 4.04 0.05
CA GLN A 184 -13.26 4.37 1.47
C GLN A 184 -12.04 3.85 2.23
N THR A 185 -11.61 2.63 1.89
CA THR A 185 -10.47 2.03 2.58
C THR A 185 -9.19 2.84 2.35
N GLU A 186 -8.92 3.15 1.08
CA GLU A 186 -7.74 3.95 0.73
C GLU A 186 -7.83 5.33 1.38
N LEU A 187 -9.03 5.89 1.44
CA LEU A 187 -9.24 7.21 2.04
C LEU A 187 -8.93 7.20 3.54
N PHE A 188 -9.45 6.19 4.24
CA PHE A 188 -9.22 6.04 5.68
C PHE A 188 -7.74 5.84 5.98
N GLU A 189 -7.09 5.00 5.18
CA GLU A 189 -5.67 4.70 5.38
C GLU A 189 -4.80 5.95 5.26
N GLN A 190 -5.08 6.77 4.25
CA GLN A 190 -4.32 7.99 4.02
C GLN A 190 -4.63 9.04 5.09
N CYS A 191 -5.85 9.03 5.61
CA CYS A 191 -6.25 9.94 6.68
C CYS A 191 -5.48 9.66 7.97
N GLN A 192 -5.46 8.40 8.37
CA GLN A 192 -4.79 7.99 9.60
C GLN A 192 -3.27 8.10 9.46
N ARG A 193 -2.77 7.85 8.26
CA ARG A 193 -1.35 8.00 7.97
C ARG A 193 -0.91 9.44 8.11
N TYR A 194 -1.81 10.35 7.71
CA TYR A 194 -1.54 11.78 7.77
C TYR A 194 -1.48 12.29 9.20
N TYR A 195 -2.47 11.91 10.01
CA TYR A 195 -2.50 12.33 11.41
C TYR A 195 -1.32 11.77 12.19
N ALA A 196 -1.04 10.49 12.00
CA ALA A 196 -0.02 9.79 12.78
C ALA A 196 1.38 10.39 12.59
N ASN A 197 1.67 10.83 11.37
CA ASN A 197 3.01 11.32 11.06
C ASN A 197 3.15 12.84 11.18
N ILE A 198 2.03 13.54 11.28
CA ILE A 198 2.05 15.00 11.28
C ILE A 198 1.48 15.63 12.55
N LEU A 199 0.28 15.21 12.94
CA LEU A 199 -0.46 15.91 13.99
C LEU A 199 -0.38 15.26 15.36
N THR A 200 0.30 14.13 15.46
CA THR A 200 0.44 13.42 16.74
C THR A 200 1.02 14.28 17.88
N PRO A 201 2.10 15.05 17.63
CA PRO A 201 2.62 15.82 18.76
C PRO A 201 1.73 16.99 19.20
N PHE A 202 0.72 17.32 18.40
CA PHE A 202 -0.16 18.44 18.72
C PHE A 202 -1.54 17.96 19.17
N SER A 203 -1.64 16.70 19.57
CA SER A 203 -2.92 16.10 19.94
C SER A 203 -3.58 16.80 21.12
N ARG A 204 -2.77 17.37 22.01
CA ARG A 204 -3.31 18.06 23.18
C ARG A 204 -4.01 19.36 22.79
N LEU A 205 -3.72 19.86 21.59
CA LEU A 205 -4.32 21.09 21.11
C LEU A 205 -5.53 20.82 20.24
N VAL A 206 -5.63 19.60 19.73
CA VAL A 206 -6.69 19.22 18.81
C VAL A 206 -8.07 19.25 19.46
N THR A 207 -8.21 18.58 20.60
CA THR A 207 -9.51 18.47 21.27
C THR A 207 -10.07 19.82 21.75
N PRO A 208 -9.26 20.66 22.44
CA PRO A 208 -9.84 21.94 22.86
C PRO A 208 -10.20 22.85 21.69
N LYS A 209 -9.47 22.75 20.59
CA LYS A 209 -9.73 23.59 19.42
C LYS A 209 -11.00 23.17 18.71
N ILE A 210 -11.20 21.86 18.57
CA ILE A 210 -12.41 21.33 17.96
C ILE A 210 -13.62 21.65 18.85
N THR A 211 -13.43 21.55 20.15
CA THR A 211 -14.48 21.89 21.11
C THR A 211 -14.87 23.37 20.97
N GLU A 212 -13.86 24.22 20.77
CA GLU A 212 -14.09 25.65 20.60
C GLU A 212 -14.90 25.94 19.33
N ILE A 213 -14.53 25.28 18.24
CA ILE A 213 -15.22 25.45 16.96
C ILE A 213 -16.68 25.02 17.07
N LEU A 214 -16.91 23.87 17.71
CA LEU A 214 -18.27 23.37 17.90
C LEU A 214 -19.09 24.30 18.78
N GLY A 215 -18.41 25.05 19.64
CA GLY A 215 -19.07 26.01 20.51
C GLY A 215 -19.64 27.19 19.75
N PHE A 216 -19.12 27.43 18.55
CA PHE A 216 -19.59 28.53 17.71
C PHE A 216 -20.97 28.24 17.12
N ASN A 217 -21.40 26.99 17.23
CA ASN A 217 -22.69 26.54 16.71
C ASN A 217 -22.88 26.87 15.23
N LEU A 218 -21.81 26.72 14.46
CA LEU A 218 -21.88 26.96 13.02
C LEU A 218 -22.16 25.68 12.26
N PRO A 219 -23.20 25.70 11.41
CA PRO A 219 -23.58 24.55 10.59
C PRO A 219 -22.49 24.18 9.59
N VAL A 220 -22.25 22.89 9.39
CA VAL A 220 -21.24 22.43 8.46
C VAL A 220 -21.82 21.47 7.43
N ASP A 221 -21.97 21.95 6.20
CA ASP A 221 -22.47 21.11 5.11
C ASP A 221 -21.31 20.42 4.40
N MET A 222 -20.20 21.15 4.26
CA MET A 222 -19.00 20.59 3.64
C MET A 222 -17.74 21.04 4.37
N ILE A 223 -16.72 20.18 4.33
CA ILE A 223 -15.40 20.53 4.84
C ILE A 223 -14.39 20.47 3.71
N ALA A 224 -13.97 21.64 3.25
CA ALA A 224 -13.03 21.72 2.13
C ALA A 224 -11.60 21.87 2.61
N THR A 225 -10.87 20.76 2.61
CA THR A 225 -9.48 20.76 3.07
C THR A 225 -8.55 21.25 1.96
N SER A 226 -7.26 21.28 2.26
CA SER A 226 -6.26 21.70 1.28
C SER A 226 -5.61 20.48 0.62
N HIS A 227 -5.91 19.29 1.16
CA HIS A 227 -5.36 18.05 0.63
C HIS A 227 -6.44 16.97 0.49
N GLY A 228 -6.59 16.45 -0.71
CA GLY A 228 -7.49 15.32 -0.93
C GLY A 228 -8.93 15.70 -1.21
N VAL A 229 -9.85 14.90 -0.68
CA VAL A 229 -11.27 15.04 -0.99
C VAL A 229 -11.97 16.13 -0.19
N VAL A 230 -13.12 16.57 -0.70
CA VAL A 230 -14.02 17.44 0.02
C VAL A 230 -15.06 16.59 0.74
N TRP A 231 -15.18 16.76 2.05
CA TRP A 231 -16.14 16.00 2.83
C TRP A 231 -17.54 16.61 2.69
N ARG A 232 -18.43 15.92 1.99
CA ARG A 232 -19.81 16.41 1.85
C ARG A 232 -20.83 15.43 2.41
N ASP A 233 -20.53 14.13 2.33
CA ASP A 233 -21.44 13.12 2.85
C ASP A 233 -21.06 12.76 4.28
N ASN A 234 -21.89 13.18 5.23
CA ASN A 234 -21.58 13.05 6.65
C ASN A 234 -20.18 13.58 6.96
N PRO A 235 -19.95 14.88 6.71
CA PRO A 235 -18.60 15.45 6.73
C PRO A 235 -17.94 15.42 8.11
N THR A 236 -18.73 15.31 9.17
CA THR A 236 -18.20 15.35 10.52
C THR A 236 -17.58 14.03 10.96
N GLN A 237 -17.55 13.05 10.07
CA GLN A 237 -16.96 11.75 10.38
C GLN A 237 -15.45 11.88 10.58
N ILE A 238 -14.83 12.78 9.82
CA ILE A 238 -13.39 12.99 9.93
C ILE A 238 -13.07 13.76 11.20
N VAL A 239 -14.04 14.55 11.66
CA VAL A 239 -13.87 15.32 12.89
C VAL A 239 -13.90 14.37 14.09
N GLU A 240 -14.79 13.38 14.04
CA GLU A 240 -14.92 12.39 15.10
C GLU A 240 -13.69 11.50 15.18
N LEU A 241 -13.11 11.16 14.02
CA LEU A 241 -11.89 10.36 13.98
C LEU A 241 -10.74 11.12 14.62
N TYR A 242 -10.68 12.43 14.37
CA TYR A 242 -9.65 13.28 14.95
C TYR A 242 -9.76 13.34 16.47
N LEU A 243 -11.00 13.35 16.97
CA LEU A 243 -11.24 13.35 18.42
C LEU A 243 -10.76 12.05 19.05
N LYS A 244 -10.98 10.93 18.37
CA LYS A 244 -10.56 9.63 18.86
C LYS A 244 -9.04 9.50 18.80
N TRP A 245 -8.47 9.98 17.70
CA TRP A 245 -7.03 9.87 17.47
C TRP A 245 -6.22 10.78 18.39
N ALA A 246 -6.83 11.88 18.84
CA ALA A 246 -6.15 12.85 19.68
C ALA A 246 -6.05 12.41 21.14
N ALA A 247 -6.91 11.47 21.53
CA ALA A 247 -6.97 11.03 22.92
C ALA A 247 -5.98 9.92 23.22
N ASP A 248 -4.71 10.14 22.88
CA ASP A 248 -3.65 9.15 23.08
C ASP A 248 -4.07 7.79 22.53
N TYR A 249 -4.45 7.78 21.27
CA TYR A 249 -5.05 6.61 20.62
C TYR A 249 -4.15 5.38 20.66
N GLN A 250 -4.76 4.24 20.96
CA GLN A 250 -4.05 2.97 20.92
C GLN A 250 -5.05 1.82 20.82
N GLU A 251 -4.68 0.80 20.04
CA GLU A 251 -5.46 -0.42 19.93
C GLU A 251 -4.73 -1.54 20.66
N ASP A 252 -5.35 -2.71 20.74
CA ASP A 252 -4.66 -3.86 21.29
C ASP A 252 -3.68 -4.39 20.24
N ARG A 253 -2.56 -3.67 20.09
CA ARG A 253 -1.64 -3.93 19.00
C ARG A 253 -0.20 -3.64 19.44
N ILE A 254 0.73 -4.49 18.99
CA ILE A 254 2.14 -4.31 19.31
C ILE A 254 2.98 -4.29 18.03
N THR A 255 3.77 -3.23 17.86
CA THR A 255 4.62 -3.09 16.68
C THR A 255 6.07 -3.42 17.01
N ILE A 256 6.67 -4.29 16.21
CA ILE A 256 8.06 -4.66 16.37
C ILE A 256 8.86 -4.25 15.15
N PHE A 257 9.88 -3.42 15.36
CA PHE A 257 10.76 -3.07 14.25
C PHE A 257 12.22 -3.09 14.68
N TYR A 258 13.12 -3.29 13.71
CA TYR A 258 14.52 -3.52 13.99
C TYR A 258 15.38 -3.28 12.75
N ASP A 259 16.69 -3.25 12.95
CA ASP A 259 17.64 -3.34 11.85
C ASP A 259 18.67 -4.41 12.19
N THR A 260 19.22 -5.06 11.17
CA THR A 260 20.13 -6.18 11.39
C THR A 260 21.18 -6.27 10.29
N MET A 261 22.30 -6.91 10.61
CA MET A 261 23.37 -7.10 9.63
C MET A 261 23.47 -8.57 9.20
N TYR A 262 23.23 -9.48 10.13
CA TYR A 262 23.33 -10.91 9.85
C TYR A 262 22.12 -11.69 10.35
N ASN A 263 20.99 -10.99 10.48
CA ASN A 263 19.69 -11.59 10.82
C ASN A 263 19.58 -12.19 12.23
N ASN A 264 20.58 -11.94 13.07
CA ASN A 264 20.54 -12.43 14.44
C ASN A 264 19.41 -11.76 15.24
N THR A 265 19.32 -10.43 15.12
CA THR A 265 18.27 -9.67 15.78
C THR A 265 16.90 -9.99 15.19
N ARG A 266 16.87 -10.27 13.88
CA ARG A 266 15.64 -10.65 13.20
C ARG A 266 15.06 -11.93 13.80
N MET A 267 15.91 -12.92 14.03
CA MET A 267 15.49 -14.17 14.63
C MET A 267 14.97 -13.97 16.05
N MET A 268 15.50 -12.98 16.74
CA MET A 268 15.01 -12.62 18.07
C MET A 268 13.61 -12.02 17.98
N ALA A 269 13.41 -11.15 17.00
CA ALA A 269 12.13 -10.48 16.80
C ALA A 269 11.02 -11.49 16.50
N ASP A 270 11.32 -12.47 15.65
CA ASP A 270 10.34 -13.49 15.28
C ASP A 270 9.97 -14.36 16.47
N ALA A 271 10.94 -14.64 17.33
CA ALA A 271 10.71 -15.48 18.50
C ALA A 271 9.85 -14.75 19.54
N ILE A 272 10.08 -13.45 19.69
CA ILE A 272 9.30 -12.64 20.61
C ILE A 272 7.83 -12.60 20.17
N ALA A 273 7.62 -12.40 18.87
CA ALA A 273 6.28 -12.36 18.30
C ALA A 273 5.49 -13.63 18.57
N GLN A 274 6.13 -14.78 18.40
CA GLN A 274 5.51 -16.07 18.64
C GLN A 274 5.07 -16.19 20.10
N GLY A 275 5.91 -15.72 21.01
CA GLY A 275 5.61 -15.75 22.43
C GLY A 275 4.40 -14.90 22.79
N ILE A 276 4.27 -13.75 22.14
CA ILE A 276 3.14 -12.87 22.37
C ILE A 276 1.84 -13.49 21.88
N ALA A 277 1.85 -13.96 20.64
CA ALA A 277 0.67 -14.50 19.98
C ALA A 277 0.11 -15.73 20.70
N GLU A 278 0.98 -16.48 21.35
CA GLU A 278 0.56 -17.68 22.07
C GLU A 278 0.22 -17.37 23.52
N THR A 279 0.42 -16.12 23.91
CA THR A 279 0.08 -15.68 25.26
C THR A 279 -1.19 -14.83 25.24
N ASP A 280 -1.31 -13.96 24.25
CA ASP A 280 -2.47 -13.10 24.10
C ASP A 280 -2.94 -13.04 22.65
N PRO A 281 -3.96 -13.86 22.32
CA PRO A 281 -4.52 -13.93 20.96
C PRO A 281 -5.26 -12.66 20.56
N ARG A 282 -5.55 -11.80 21.52
CA ARG A 282 -6.28 -10.56 21.26
C ARG A 282 -5.40 -9.51 20.62
N VAL A 283 -4.08 -9.64 20.81
CA VAL A 283 -3.13 -8.65 20.32
C VAL A 283 -2.75 -8.86 18.86
N ALA A 284 -2.80 -7.79 18.08
CA ALA A 284 -2.32 -7.82 16.70
C ALA A 284 -0.82 -7.47 16.68
N VAL A 285 -0.05 -8.24 15.92
CA VAL A 285 1.40 -8.05 15.88
C VAL A 285 1.91 -7.74 14.48
N LYS A 286 2.68 -6.66 14.35
CA LYS A 286 3.31 -6.30 13.09
C LYS A 286 4.83 -6.26 13.24
N ILE A 287 5.54 -6.77 12.25
CA ILE A 287 7.00 -6.78 12.28
C ILE A 287 7.59 -6.09 11.05
N PHE A 288 8.55 -5.19 11.27
CA PHE A 288 9.16 -4.45 10.18
C PHE A 288 10.69 -4.42 10.30
N ASN A 289 11.37 -4.56 9.16
CA ASN A 289 12.79 -4.25 9.07
C ASN A 289 12.92 -2.83 8.55
N VAL A 290 13.42 -1.92 9.38
CA VAL A 290 13.43 -0.49 9.06
C VAL A 290 14.23 -0.16 7.80
N ALA A 291 15.16 -1.04 7.43
CA ALA A 291 15.95 -0.83 6.24
C ALA A 291 15.23 -1.33 4.99
N ARG A 292 14.18 -2.10 5.20
CA ARG A 292 13.47 -2.75 4.09
C ARG A 292 11.99 -2.38 4.06
N SER A 293 11.56 -1.49 4.96
CA SER A 293 10.15 -1.16 5.07
C SER A 293 9.88 0.33 4.88
N ASP A 294 8.62 0.67 4.72
CA ASP A 294 8.20 2.07 4.62
C ASP A 294 8.18 2.70 6.01
N LYS A 295 8.97 3.75 6.19
CA LYS A 295 9.13 4.39 7.49
C LYS A 295 7.81 4.92 8.04
N ASN A 296 7.00 5.54 7.18
CA ASN A 296 5.75 6.14 7.60
C ASN A 296 4.69 5.10 7.94
N GLU A 297 4.80 3.92 7.35
CA GLU A 297 3.90 2.81 7.68
C GLU A 297 4.21 2.30 9.08
N ILE A 298 5.50 2.25 9.40
CA ILE A 298 5.94 1.85 10.73
C ILE A 298 5.40 2.82 11.79
N LEU A 299 5.56 4.11 11.55
CA LEU A 299 5.14 5.14 12.50
C LEU A 299 3.63 5.16 12.66
N THR A 300 2.89 4.84 11.60
CA THR A 300 1.44 4.77 11.68
C THR A 300 1.05 3.60 12.58
N ASN A 301 1.79 2.50 12.49
CA ASN A 301 1.55 1.34 13.33
C ASN A 301 1.88 1.60 14.79
N VAL A 302 2.95 2.35 15.03
CA VAL A 302 3.31 2.75 16.39
C VAL A 302 2.19 3.59 17.00
N PHE A 303 1.66 4.51 16.21
CA PHE A 303 0.54 5.35 16.62
C PHE A 303 -0.68 4.51 17.01
N ARG A 304 -0.86 3.40 16.33
CA ARG A 304 -1.99 2.50 16.60
C ARG A 304 -1.70 1.50 17.71
N SER A 305 -0.43 1.37 18.10
CA SER A 305 -0.01 0.34 19.03
C SER A 305 -0.04 0.78 20.49
N LYS A 306 -0.30 -0.17 21.39
CA LYS A 306 -0.25 0.08 22.82
C LYS A 306 1.20 0.05 23.31
N GLY A 307 2.07 -0.59 22.52
CA GLY A 307 3.47 -0.70 22.87
C GLY A 307 4.32 -1.18 21.71
N VAL A 308 5.63 -0.96 21.80
CA VAL A 308 6.53 -1.38 20.74
C VAL A 308 7.76 -2.11 21.28
N LEU A 309 8.38 -2.92 20.42
CA LEU A 309 9.68 -3.50 20.73
C LEU A 309 10.66 -3.12 19.63
N VAL A 310 11.81 -2.56 20.02
CA VAL A 310 12.79 -2.09 19.05
C VAL A 310 14.08 -2.89 19.16
N GLY A 311 14.56 -3.37 18.01
CA GLY A 311 15.75 -4.21 17.99
C GLY A 311 16.90 -3.58 17.24
N THR A 312 18.12 -3.82 17.75
CA THR A 312 19.32 -3.35 17.08
C THR A 312 20.53 -4.17 17.51
N SER A 313 21.47 -4.37 16.59
CA SER A 313 22.74 -5.00 16.92
C SER A 313 23.73 -3.93 17.34
N THR A 314 24.79 -4.33 18.04
CA THR A 314 25.82 -3.40 18.44
C THR A 314 26.87 -3.25 17.36
N MET A 315 27.08 -2.03 16.90
CA MET A 315 28.04 -1.75 15.86
C MET A 315 28.90 -0.56 16.28
N ASN A 316 30.19 -0.83 16.53
CA ASN A 316 31.12 0.18 17.05
C ASN A 316 30.60 0.79 18.35
N ASN A 317 30.11 -0.07 19.24
CA ASN A 317 29.60 0.31 20.57
C ASN A 317 28.32 1.14 20.55
N VAL A 318 27.79 1.44 19.37
CA VAL A 318 26.54 2.18 19.27
C VAL A 318 25.48 1.40 18.49
N MET A 319 24.29 1.98 18.36
CA MET A 319 23.18 1.31 17.69
C MET A 319 23.22 1.56 16.19
N MET A 320 22.45 0.77 15.44
CA MET A 320 22.32 0.95 14.00
C MET A 320 21.70 2.31 13.69
N PRO A 321 22.28 3.04 12.72
CA PRO A 321 21.90 4.42 12.39
C PRO A 321 20.43 4.61 12.01
N LYS A 322 19.84 3.67 11.28
CA LYS A 322 18.44 3.79 10.89
C LYS A 322 17.54 3.72 12.11
N ILE A 323 17.98 2.97 13.13
CA ILE A 323 17.23 2.88 14.37
C ILE A 323 17.36 4.20 15.15
N ALA A 324 18.59 4.73 15.19
CA ALA A 324 18.86 6.00 15.85
C ALA A 324 18.06 7.13 15.22
N GLY A 325 17.97 7.09 13.89
CA GLY A 325 17.20 8.10 13.16
C GLY A 325 15.72 8.01 13.45
N LEU A 326 15.20 6.79 13.50
CA LEU A 326 13.78 6.57 13.74
C LEU A 326 13.39 6.96 15.17
N VAL A 327 14.27 6.65 16.12
CA VAL A 327 14.03 7.01 17.52
C VAL A 327 14.03 8.53 17.69
N GLU A 328 14.91 9.20 16.96
CA GLU A 328 14.96 10.66 16.97
C GLU A 328 13.64 11.26 16.48
N GLU A 329 13.08 10.65 15.44
CA GLU A 329 11.82 11.14 14.89
C GLU A 329 10.66 10.91 15.84
N MET A 330 10.63 9.74 16.49
CA MET A 330 9.60 9.43 17.46
C MET A 330 9.65 10.38 18.66
N THR A 331 10.85 10.89 18.95
CA THR A 331 11.05 11.85 20.02
C THR A 331 10.31 13.16 19.71
N GLY A 332 10.19 13.46 18.42
CA GLY A 332 9.47 14.65 17.97
C GLY A 332 7.98 14.46 17.86
N LEU A 333 7.54 13.25 17.50
CA LEU A 333 6.11 12.97 17.38
C LEU A 333 5.46 12.88 18.76
N ARG A 334 6.27 12.61 19.78
CA ARG A 334 5.82 12.60 21.17
C ARG A 334 4.61 11.70 21.42
N PHE A 335 4.74 10.41 21.14
CA PHE A 335 3.68 9.46 21.42
C PHE A 335 3.40 9.38 22.93
N ARG A 336 2.13 9.19 23.30
CA ARG A 336 1.77 9.15 24.71
C ARG A 336 1.10 7.85 25.12
N ASN A 337 1.24 7.51 26.41
CA ASN A 337 0.65 6.32 27.01
C ASN A 337 1.03 5.02 26.29
N LYS A 338 2.28 4.96 25.83
CA LYS A 338 2.79 3.77 25.16
C LYS A 338 3.97 3.17 25.92
N ARG A 339 4.15 1.87 25.78
CA ARG A 339 5.25 1.18 26.46
C ARG A 339 6.26 0.67 25.43
N ALA A 340 7.47 0.36 25.88
CA ALA A 340 8.49 -0.13 24.95
C ALA A 340 9.51 -1.05 25.62
N SER A 341 10.13 -1.87 24.79
CA SER A 341 11.18 -2.79 25.23
C SER A 341 12.26 -2.89 24.15
N ALA A 342 13.51 -2.73 24.56
CA ALA A 342 14.62 -2.80 23.62
C ALA A 342 15.21 -4.22 23.60
N PHE A 343 15.69 -4.63 22.43
CA PHE A 343 16.35 -5.93 22.31
C PHE A 343 17.40 -5.91 21.20
N GLY A 344 18.14 -7.00 21.06
CA GLY A 344 19.13 -7.10 20.02
C GLY A 344 20.30 -8.01 20.34
N SER A 345 21.10 -8.31 19.31
CA SER A 345 22.25 -9.19 19.46
C SER A 345 23.56 -8.40 19.50
N HIS A 346 24.59 -9.01 20.08
CA HIS A 346 25.91 -8.38 20.15
C HIS A 346 27.00 -9.43 19.99
N GLY A 347 28.24 -8.95 19.86
CA GLY A 347 29.37 -9.83 19.64
C GLY A 347 30.19 -10.08 20.89
N TRP A 348 30.55 -9.01 21.59
CA TRP A 348 31.35 -9.15 22.81
C TRP A 348 30.83 -8.29 23.96
N SER A 349 31.14 -7.00 23.94
CA SER A 349 30.79 -6.12 25.05
C SER A 349 29.38 -5.55 24.92
N GLY A 350 28.89 -5.44 23.68
CA GLY A 350 27.57 -4.90 23.44
C GLY A 350 27.42 -3.46 23.91
N GLY A 351 26.22 -3.10 24.33
CA GLY A 351 25.96 -1.77 24.86
C GLY A 351 24.92 -0.97 24.09
N ALA A 352 24.61 -1.41 22.87
CA ALA A 352 23.68 -0.67 22.02
C ALA A 352 22.24 -0.81 22.51
N VAL A 353 21.93 -1.95 23.11
CA VAL A 353 20.58 -2.20 23.61
C VAL A 353 20.25 -1.29 24.80
N ASP A 354 21.19 -1.15 25.72
CA ASP A 354 21.04 -0.24 26.84
C ASP A 354 20.95 1.20 26.35
N ARG A 355 21.76 1.52 25.35
CA ARG A 355 21.76 2.84 24.73
C ARG A 355 20.40 3.15 24.09
N LEU A 356 19.85 2.14 23.40
CA LEU A 356 18.55 2.27 22.74
C LEU A 356 17.43 2.40 23.76
N SER A 357 17.52 1.62 24.84
CA SER A 357 16.49 1.64 25.88
C SER A 357 16.38 3.01 26.52
N THR A 358 17.51 3.67 26.70
CA THR A 358 17.54 5.01 27.28
C THR A 358 16.89 6.04 26.35
N ARG A 359 17.21 5.96 25.06
CA ARG A 359 16.69 6.92 24.10
C ARG A 359 15.20 6.72 23.83
N LEU A 360 14.72 5.49 23.95
CA LEU A 360 13.29 5.22 23.85
C LEU A 360 12.57 5.83 25.05
N GLN A 361 13.21 5.76 26.21
CA GLN A 361 12.68 6.38 27.42
C GLN A 361 12.63 7.89 27.26
N ASP A 362 13.65 8.44 26.62
CA ASP A 362 13.71 9.87 26.33
C ASP A 362 12.59 10.26 25.36
N ALA A 363 12.17 9.30 24.54
CA ALA A 363 11.12 9.54 23.55
C ALA A 363 9.73 9.50 24.20
N GLY A 364 9.67 9.09 25.46
CA GLY A 364 8.43 9.12 26.21
C GLY A 364 7.79 7.77 26.45
N PHE A 365 8.47 6.70 26.06
CA PHE A 365 7.96 5.35 26.25
C PHE A 365 8.21 4.84 27.68
N GLU A 366 7.21 4.17 28.24
CA GLU A 366 7.39 3.50 29.53
C GLU A 366 8.14 2.20 29.31
N MET A 367 9.37 2.14 29.80
CA MET A 367 10.28 1.06 29.44
C MET A 367 10.15 -0.19 30.29
N SER A 368 10.09 -1.34 29.62
CA SER A 368 10.16 -2.63 30.31
C SER A 368 11.58 -3.17 30.20
N LEU A 369 11.81 -4.36 30.74
CA LEU A 369 13.15 -4.95 30.74
C LEU A 369 13.62 -5.25 29.32
N SER A 370 14.94 -5.16 29.11
CA SER A 370 15.52 -5.42 27.80
C SER A 370 15.82 -6.89 27.59
N LEU A 371 16.05 -7.28 26.34
CA LEU A 371 16.40 -8.66 26.00
C LEU A 371 17.68 -8.69 25.17
N LYS A 372 18.67 -9.44 25.64
CA LYS A 372 19.96 -9.49 24.97
C LYS A 372 20.36 -10.91 24.59
N ALA A 373 21.07 -11.04 23.47
CA ALA A 373 21.59 -12.34 23.03
C ALA A 373 22.97 -12.18 22.41
N LYS A 374 23.76 -13.23 22.46
CA LYS A 374 25.11 -13.21 21.90
C LYS A 374 25.18 -13.98 20.58
N TRP A 375 25.71 -13.33 19.56
CA TRP A 375 25.80 -13.90 18.21
C TRP A 375 24.45 -14.43 17.72
N ARG A 376 24.47 -15.59 17.10
N ARG A 376 24.45 -15.60 17.10
CA ARG A 376 23.23 -16.22 16.63
CA ARG A 376 23.22 -16.21 16.63
C ARG A 376 22.58 -17.03 17.74
C ARG A 376 22.57 -17.04 17.73
N PRO A 377 21.30 -16.75 18.03
CA PRO A 377 20.56 -17.46 19.09
C PRO A 377 20.33 -18.93 18.75
N ASP A 378 20.74 -19.83 19.64
CA ASP A 378 20.45 -21.24 19.46
C ASP A 378 19.05 -21.55 19.99
N GLN A 379 18.71 -22.84 20.08
CA GLN A 379 17.38 -23.25 20.53
C GLN A 379 17.09 -22.76 21.95
N ASP A 380 18.10 -22.80 22.82
CA ASP A 380 17.94 -22.35 24.19
C ASP A 380 17.75 -20.83 24.25
N ALA A 381 18.48 -20.11 23.41
CA ALA A 381 18.40 -18.66 23.38
C ALA A 381 17.07 -18.19 22.79
N LEU A 382 16.57 -18.93 21.81
CA LEU A 382 15.28 -18.60 21.19
C LEU A 382 14.12 -18.82 22.17
N LYS A 383 14.29 -19.76 23.09
CA LYS A 383 13.31 -19.98 24.15
C LYS A 383 13.22 -18.75 25.04
N LEU A 384 14.38 -18.17 25.37
CA LEU A 384 14.44 -16.97 26.20
C LEU A 384 13.78 -15.79 25.48
N CYS A 385 13.97 -15.69 24.17
CA CYS A 385 13.36 -14.65 23.38
C CYS A 385 11.85 -14.83 23.34
N ARG A 386 11.43 -16.08 23.18
CA ARG A 386 10.02 -16.43 23.13
C ARG A 386 9.37 -16.21 24.51
N GLU A 387 10.15 -16.42 25.55
CA GLU A 387 9.69 -16.19 26.92
C GLU A 387 9.54 -14.69 27.20
N HIS A 388 10.43 -13.89 26.61
CA HIS A 388 10.36 -12.45 26.73
C HIS A 388 9.05 -11.92 26.18
N GLY A 389 8.63 -12.48 25.05
CA GLY A 389 7.36 -12.11 24.44
C GLY A 389 6.19 -12.44 25.33
N ARG A 390 6.29 -13.55 26.05
CA ARG A 390 5.25 -13.95 26.99
C ARG A 390 5.15 -12.94 28.14
N GLU A 391 6.29 -12.58 28.69
CA GLU A 391 6.36 -11.63 29.80
C GLU A 391 5.84 -10.26 29.38
N ILE A 392 6.16 -9.86 28.16
CA ILE A 392 5.70 -8.59 27.61
C ILE A 392 4.18 -8.59 27.43
N ALA A 393 3.67 -9.69 26.87
CA ALA A 393 2.23 -9.83 26.62
C ALA A 393 1.42 -9.77 27.91
N ARG A 394 1.91 -10.43 28.96
CA ARG A 394 1.22 -10.43 30.24
C ARG A 394 1.26 -9.06 30.92
N GLN A 395 2.39 -8.38 30.81
CA GLN A 395 2.55 -7.05 31.41
C GLN A 395 1.72 -5.99 30.71
N TRP A 396 1.66 -6.06 29.38
CA TRP A 396 1.00 -5.02 28.60
C TRP A 396 -0.47 -5.35 28.33
N ALA A 397 -0.98 -6.37 29.00
CA ALA A 397 -2.36 -6.80 28.80
C ALA A 397 -3.35 -5.73 29.22
N LEU A 398 -4.28 -5.41 28.33
CA LEU A 398 -5.32 -4.42 28.59
C LEU A 398 -6.36 -4.98 29.56
N ALA A 399 -6.54 -6.30 29.49
CA ALA A 399 -7.48 -6.99 30.38
C ALA A 399 -6.83 -8.27 30.88
N PRO A 400 -7.30 -8.78 32.03
CA PRO A 400 -6.78 -10.04 32.61
C PRO A 400 -6.76 -11.20 31.62
N LEU A 401 -5.95 -12.20 31.90
CA LEU A 401 -5.74 -13.35 31.02
C LEU A 401 -5.21 -12.90 29.65
N SER B 2 4.90 -25.11 15.77
CA SER B 2 3.93 -25.48 14.75
C SER B 2 2.51 -25.12 15.16
N ILE B 3 1.61 -25.08 14.19
CA ILE B 3 0.22 -24.72 14.45
C ILE B 3 -0.73 -25.79 13.93
N VAL B 4 -1.74 -26.14 14.73
CA VAL B 4 -2.73 -27.12 14.33
C VAL B 4 -3.72 -26.52 13.34
N VAL B 5 -3.77 -27.10 12.14
CA VAL B 5 -4.71 -26.66 11.12
C VAL B 5 -6.07 -27.30 11.34
N LYS B 6 -6.08 -28.63 11.42
CA LYS B 6 -7.30 -29.40 11.64
C LYS B 6 -6.95 -30.83 12.05
N ASN B 7 -7.47 -31.27 13.20
CA ASN B 7 -7.22 -32.61 13.72
C ASN B 7 -5.73 -32.94 13.82
N ASN B 8 -5.26 -33.80 12.93
CA ASN B 8 -3.86 -34.23 12.94
C ASN B 8 -2.99 -33.51 11.91
N ILE B 9 -3.54 -32.45 11.32
CA ILE B 9 -2.80 -31.65 10.35
C ILE B 9 -2.06 -30.51 11.05
N HIS B 10 -0.74 -30.48 10.90
CA HIS B 10 0.08 -29.46 11.56
C HIS B 10 0.79 -28.57 10.54
N TRP B 11 0.78 -27.27 10.80
CA TRP B 11 1.49 -26.31 9.96
C TRP B 11 2.94 -26.17 10.40
N VAL B 12 3.86 -26.49 9.50
CA VAL B 12 5.29 -26.43 9.83
C VAL B 12 6.05 -25.56 8.84
N GLY B 13 5.42 -24.48 8.40
CA GLY B 13 6.01 -23.60 7.40
C GLY B 13 6.86 -22.48 7.99
N GLN B 14 7.04 -21.41 7.20
CA GLN B 14 7.90 -20.30 7.60
C GLN B 14 7.31 -18.95 7.21
N ARG B 15 7.23 -18.04 8.17
CA ARG B 15 6.80 -16.67 7.90
C ARG B 15 7.97 -15.81 7.44
N ASP B 16 7.70 -14.92 6.50
CA ASP B 16 8.74 -14.04 5.97
C ASP B 16 8.26 -12.59 5.98
N TRP B 17 8.60 -11.87 7.03
CA TRP B 17 8.16 -10.48 7.20
C TRP B 17 8.97 -9.50 6.37
N GLU B 18 10.22 -9.86 6.07
CA GLU B 18 11.15 -8.93 5.42
C GLU B 18 11.11 -8.96 3.90
N VAL B 19 10.68 -10.09 3.33
CA VAL B 19 10.77 -10.30 1.88
C VAL B 19 10.05 -9.20 1.09
N ARG B 20 10.74 -8.67 0.09
CA ARG B 20 10.21 -7.59 -0.73
C ARG B 20 10.39 -7.89 -2.22
N ASP B 21 11.24 -8.85 -2.54
CA ASP B 21 11.56 -9.15 -3.94
C ASP B 21 11.29 -10.60 -4.31
N PHE B 22 10.35 -10.80 -5.23
CA PHE B 22 10.07 -12.11 -5.79
C PHE B 22 10.30 -12.08 -7.30
N HIS B 23 10.64 -13.24 -7.87
CA HIS B 23 10.98 -13.34 -9.29
C HIS B 23 12.06 -12.34 -9.67
N GLY B 24 13.15 -12.35 -8.91
CA GLY B 24 14.18 -11.33 -9.06
C GLY B 24 13.75 -10.07 -8.36
N THR B 25 13.32 -9.08 -9.13
CA THR B 25 12.77 -7.84 -8.58
C THR B 25 11.48 -7.47 -9.31
N GLU B 26 10.85 -8.45 -9.95
CA GLU B 26 9.68 -8.18 -10.79
C GLU B 26 8.36 -8.33 -10.03
N TYR B 27 8.42 -8.86 -8.81
CA TYR B 27 7.24 -8.91 -7.96
C TYR B 27 7.56 -8.37 -6.57
N LYS B 28 7.04 -7.19 -6.27
CA LYS B 28 7.26 -6.57 -4.97
C LYS B 28 6.23 -7.06 -3.96
N THR B 29 6.70 -7.71 -2.89
CA THR B 29 5.82 -8.15 -1.82
C THR B 29 5.87 -7.15 -0.67
N LEU B 30 4.99 -6.14 -0.74
CA LEU B 30 5.02 -5.03 0.20
C LEU B 30 4.58 -5.44 1.62
N ARG B 31 3.87 -6.55 1.73
CA ARG B 31 3.41 -7.02 3.03
C ARG B 31 3.97 -8.40 3.36
N GLY B 32 5.18 -8.66 2.87
CA GLY B 32 5.85 -9.93 3.13
C GLY B 32 5.13 -11.12 2.54
N SER B 33 5.47 -12.31 3.04
CA SER B 33 4.85 -13.55 2.56
C SER B 33 5.06 -14.69 3.55
N SER B 34 4.54 -15.85 3.21
CA SER B 34 4.74 -17.05 4.01
C SER B 34 4.89 -18.26 3.10
N TYR B 35 5.61 -19.27 3.59
CA TYR B 35 5.80 -20.49 2.82
C TYR B 35 5.25 -21.66 3.62
N ASN B 36 4.03 -22.06 3.29
CA ASN B 36 3.30 -23.04 4.08
C ASN B 36 3.68 -24.48 3.78
N SER B 37 4.11 -25.20 4.82
CA SER B 37 4.36 -26.63 4.73
C SER B 37 3.49 -27.34 5.75
N TYR B 38 3.05 -28.54 5.44
CA TYR B 38 2.11 -29.25 6.30
C TYR B 38 2.56 -30.66 6.64
N LEU B 39 2.38 -31.04 7.90
CA LEU B 39 2.71 -32.39 8.36
C LEU B 39 1.46 -33.12 8.83
N ILE B 40 1.08 -34.17 8.11
CA ILE B 40 -0.07 -34.97 8.49
C ILE B 40 0.35 -36.21 9.27
N ARG B 41 -0.26 -36.42 10.43
CA ARG B 41 0.13 -37.52 11.30
C ARG B 41 -1.01 -38.49 11.59
N GLU B 42 -1.18 -39.47 10.71
CA GLU B 42 -2.13 -40.55 10.93
C GLU B 42 -1.34 -41.83 11.22
N GLU B 43 -1.76 -42.93 10.61
CA GLU B 43 -0.97 -44.17 10.68
C GLU B 43 0.34 -43.95 9.93
N LYS B 44 0.25 -43.23 8.81
CA LYS B 44 1.43 -42.80 8.07
C LYS B 44 1.67 -41.31 8.28
N ASN B 45 2.94 -40.92 8.24
CA ASN B 45 3.32 -39.51 8.38
C ASN B 45 3.69 -38.91 7.03
N VAL B 46 3.00 -37.83 6.66
CA VAL B 46 3.20 -37.21 5.35
C VAL B 46 3.59 -35.74 5.45
N LEU B 47 4.68 -35.38 4.79
CA LEU B 47 5.10 -33.98 4.70
C LEU B 47 4.74 -33.41 3.33
N ILE B 48 3.95 -32.34 3.31
CA ILE B 48 3.54 -31.72 2.07
C ILE B 48 4.31 -30.43 1.81
N ASP B 49 5.15 -30.45 0.78
CA ASP B 49 6.02 -29.32 0.40
C ASP B 49 7.02 -28.97 1.51
N THR B 50 7.96 -28.09 1.17
CA THR B 50 8.89 -27.56 2.15
C THR B 50 8.83 -26.03 2.11
N VAL B 51 9.97 -25.38 2.29
CA VAL B 51 10.02 -23.93 2.27
C VAL B 51 11.16 -23.42 1.39
N LYS B 52 11.32 -22.10 1.34
CA LYS B 52 12.42 -21.49 0.60
C LYS B 52 13.76 -21.92 1.17
N HIS B 53 14.76 -22.04 0.30
CA HIS B 53 16.08 -22.53 0.68
C HIS B 53 16.73 -21.71 1.77
N LYS B 54 16.47 -20.41 1.74
CA LYS B 54 16.94 -19.47 2.75
C LYS B 54 16.66 -19.94 4.18
N PHE B 55 15.48 -20.50 4.40
CA PHE B 55 15.07 -20.94 5.74
C PHE B 55 15.15 -22.46 5.91
N SER B 56 16.08 -23.08 5.19
CA SER B 56 16.21 -24.53 5.21
C SER B 56 16.65 -25.08 6.57
N ARG B 57 17.60 -24.40 7.21
CA ARG B 57 18.12 -24.86 8.49
C ARG B 57 17.07 -24.72 9.59
N GLU B 58 16.25 -23.68 9.50
CA GLU B 58 15.17 -23.49 10.46
C GLU B 58 14.08 -24.52 10.24
N PHE B 59 13.78 -24.79 8.98
CA PHE B 59 12.72 -25.71 8.60
C PHE B 59 12.99 -27.12 9.13
N VAL B 60 14.22 -27.60 8.91
CA VAL B 60 14.61 -28.93 9.35
C VAL B 60 14.61 -29.02 10.87
N GLN B 61 15.17 -28.01 11.52
CA GLN B 61 15.23 -27.99 12.98
C GLN B 61 13.83 -27.95 13.60
N ASN B 62 12.95 -27.11 13.06
CA ASN B 62 11.57 -27.03 13.52
C ASN B 62 10.84 -28.33 13.25
N LEU B 63 11.21 -29.01 12.17
CA LEU B 63 10.60 -30.28 11.79
C LEU B 63 11.03 -31.37 12.77
N ARG B 64 12.27 -31.28 13.24
CA ARG B 64 12.79 -32.23 14.24
C ARG B 64 12.03 -32.10 15.56
N ASN B 65 11.72 -30.86 15.93
CA ASN B 65 11.00 -30.59 17.18
C ASN B 65 9.58 -31.15 17.16
N GLU B 66 9.05 -31.36 15.96
CA GLU B 66 7.69 -31.85 15.82
C GLU B 66 7.67 -33.38 15.71
N ILE B 67 8.67 -33.95 15.04
CA ILE B 67 8.71 -35.37 14.78
C ILE B 67 10.13 -35.83 14.43
N ASP B 68 10.45 -37.08 14.76
CA ASP B 68 11.69 -37.69 14.32
C ASP B 68 11.65 -37.84 12.80
N LEU B 69 12.71 -37.39 12.14
CA LEU B 69 12.75 -37.37 10.68
C LEU B 69 12.62 -38.77 10.08
N ALA B 70 13.01 -39.78 10.84
CA ALA B 70 12.93 -41.16 10.38
C ALA B 70 11.48 -41.65 10.36
N ASP B 71 10.60 -40.94 11.06
CA ASP B 71 9.20 -41.33 11.15
C ASP B 71 8.37 -40.77 10.00
N ILE B 72 8.96 -39.88 9.21
CA ILE B 72 8.30 -39.37 8.01
C ILE B 72 8.25 -40.45 6.94
N ASP B 73 7.04 -40.84 6.56
CA ASP B 73 6.86 -41.91 5.60
C ASP B 73 6.93 -41.43 4.16
N TYR B 74 6.14 -40.40 3.83
CA TYR B 74 6.09 -39.90 2.46
C TYR B 74 6.30 -38.39 2.39
N ILE B 75 6.88 -37.93 1.29
CA ILE B 75 7.01 -36.51 1.01
C ILE B 75 6.26 -36.16 -0.27
N VAL B 76 5.38 -35.17 -0.19
CA VAL B 76 4.61 -34.74 -1.35
C VAL B 76 5.07 -33.38 -1.83
N ILE B 77 5.45 -33.30 -3.10
CA ILE B 77 5.86 -32.03 -3.71
C ILE B 77 4.85 -31.61 -4.78
N ASN B 78 3.96 -30.69 -4.43
CA ASN B 78 2.97 -30.17 -5.37
C ASN B 78 3.59 -29.30 -6.44
N HIS B 79 4.76 -28.74 -6.14
CA HIS B 79 5.34 -27.68 -6.96
C HIS B 79 6.82 -27.52 -6.60
N ALA B 80 7.68 -27.55 -7.61
CA ALA B 80 9.13 -27.61 -7.35
C ALA B 80 9.82 -26.26 -7.51
N GLU B 81 9.07 -25.16 -7.41
CA GLU B 81 9.69 -23.85 -7.41
C GLU B 81 10.43 -23.67 -6.08
N GLU B 82 11.54 -22.95 -6.11
CA GLU B 82 12.45 -22.86 -4.97
C GLU B 82 11.80 -22.39 -3.67
N ASP B 83 10.66 -21.71 -3.76
CA ASP B 83 10.00 -21.19 -2.58
C ASP B 83 9.16 -22.27 -1.88
N HIS B 84 9.16 -23.46 -2.45
CA HIS B 84 8.41 -24.57 -1.87
C HIS B 84 9.25 -25.85 -1.78
N ALA B 85 10.24 -25.96 -2.66
CA ALA B 85 11.09 -27.14 -2.68
C ALA B 85 12.56 -26.80 -2.42
N GLY B 86 12.80 -25.58 -1.93
CA GLY B 86 14.15 -25.11 -1.71
C GLY B 86 14.92 -25.80 -0.60
N ALA B 87 14.20 -26.30 0.41
CA ALA B 87 14.84 -26.95 1.54
C ALA B 87 14.86 -28.47 1.39
N LEU B 88 14.58 -28.94 0.17
CA LEU B 88 14.46 -30.37 -0.07
C LEU B 88 15.81 -31.10 0.03
N THR B 89 16.85 -30.51 -0.55
CA THR B 89 18.19 -31.11 -0.52
C THR B 89 18.68 -31.28 0.91
N GLU B 90 18.46 -30.25 1.73
CA GLU B 90 18.85 -30.30 3.13
C GLU B 90 18.12 -31.40 3.89
N LEU B 91 16.84 -31.57 3.57
CA LEU B 91 16.01 -32.58 4.24
C LEU B 91 16.36 -34.00 3.78
N MET B 92 16.53 -34.18 2.48
CA MET B 92 16.82 -35.50 1.93
C MET B 92 18.22 -35.97 2.31
N ALA B 93 19.05 -35.04 2.77
CA ALA B 93 20.39 -35.38 3.25
C ALA B 93 20.30 -36.18 4.55
N GLN B 94 19.20 -35.99 5.27
CA GLN B 94 18.99 -36.68 6.53
C GLN B 94 18.18 -37.97 6.34
N ILE B 95 17.26 -37.96 5.39
CA ILE B 95 16.44 -39.13 5.10
C ILE B 95 16.35 -39.42 3.59
N PRO B 96 17.46 -39.93 3.02
CA PRO B 96 17.60 -40.12 1.57
C PRO B 96 16.71 -41.22 0.98
N ASP B 97 16.15 -42.09 1.81
CA ASP B 97 15.37 -43.22 1.32
C ASP B 97 13.87 -42.91 1.30
N THR B 98 13.49 -41.75 1.81
CA THR B 98 12.09 -41.36 1.87
C THR B 98 11.52 -41.06 0.48
N PRO B 99 10.42 -41.75 0.12
CA PRO B 99 9.76 -41.59 -1.18
C PRO B 99 9.20 -40.19 -1.42
N ILE B 100 9.29 -39.73 -2.66
CA ILE B 100 8.74 -38.44 -3.04
C ILE B 100 7.61 -38.62 -4.07
N TYR B 101 6.43 -38.11 -3.72
CA TYR B 101 5.28 -38.17 -4.62
C TYR B 101 5.07 -36.85 -5.35
N CYS B 102 5.05 -36.91 -6.67
CA CYS B 102 4.94 -35.71 -7.50
C CYS B 102 4.53 -36.07 -8.93
N THR B 103 4.31 -35.06 -9.76
CA THR B 103 3.96 -35.27 -11.15
C THR B 103 5.18 -35.70 -11.97
N ALA B 104 4.94 -36.20 -13.17
CA ALA B 104 6.03 -36.59 -14.06
C ALA B 104 6.90 -35.40 -14.44
N ASN B 105 6.26 -34.25 -14.65
CA ASN B 105 7.00 -33.02 -14.95
C ASN B 105 7.82 -32.54 -13.76
N ALA B 106 7.38 -32.91 -12.56
CA ALA B 106 8.05 -32.47 -11.34
C ALA B 106 9.42 -33.15 -11.16
N ILE B 107 9.55 -34.37 -11.66
CA ILE B 107 10.84 -35.06 -11.61
C ILE B 107 11.89 -34.27 -12.37
N ASP B 108 11.48 -33.70 -13.50
CA ASP B 108 12.36 -32.89 -14.32
C ASP B 108 12.75 -31.58 -13.62
N SER B 109 11.78 -30.97 -12.96
CA SER B 109 12.00 -29.66 -12.32
C SER B 109 12.73 -29.79 -10.98
N ILE B 110 12.45 -30.86 -10.24
CA ILE B 110 13.15 -31.12 -8.99
C ILE B 110 14.64 -31.41 -9.24
N ASN B 111 14.91 -32.33 -10.17
CA ASN B 111 16.28 -32.67 -10.53
C ASN B 111 17.01 -31.49 -11.17
N GLY B 112 16.24 -30.63 -11.85
CA GLY B 112 16.80 -29.45 -12.49
C GLY B 112 17.37 -28.47 -11.48
N HIS B 113 16.79 -28.44 -10.30
CA HIS B 113 17.24 -27.54 -9.23
C HIS B 113 18.22 -28.22 -8.28
N HIS B 114 18.00 -29.50 -8.00
CA HIS B 114 18.72 -30.18 -6.92
C HIS B 114 19.80 -31.15 -7.38
N HIS B 115 19.69 -31.65 -8.61
CA HIS B 115 20.67 -32.56 -9.19
C HIS B 115 20.88 -33.84 -8.37
N HIS B 116 19.80 -34.37 -7.81
CA HIS B 116 19.86 -35.65 -7.11
C HIS B 116 18.83 -36.63 -7.66
N PRO B 117 19.10 -37.16 -8.86
CA PRO B 117 18.15 -38.07 -9.53
C PRO B 117 18.04 -39.42 -8.83
N GLU B 118 18.95 -39.71 -7.91
CA GLU B 118 18.95 -40.99 -7.22
C GLU B 118 17.83 -41.08 -6.17
N TRP B 119 17.18 -39.95 -5.92
CA TRP B 119 16.04 -39.92 -5.00
C TRP B 119 14.92 -40.82 -5.48
N ASN B 120 14.10 -41.30 -4.55
CA ASN B 120 13.04 -42.25 -4.87
C ASN B 120 11.74 -41.55 -5.25
N PHE B 121 11.58 -41.26 -6.54
CA PHE B 121 10.39 -40.56 -7.03
C PHE B 121 9.23 -41.49 -7.34
N ASN B 122 8.01 -41.04 -7.04
CA ASN B 122 6.80 -41.75 -7.39
C ASN B 122 5.87 -40.87 -8.23
N VAL B 123 5.78 -41.16 -9.52
CA VAL B 123 4.94 -40.38 -10.41
C VAL B 123 3.46 -40.59 -10.11
N VAL B 124 2.74 -39.48 -9.91
CA VAL B 124 1.29 -39.55 -9.69
C VAL B 124 0.55 -38.80 -10.78
N LYS B 125 -0.67 -39.25 -11.05
CA LYS B 125 -1.54 -38.56 -11.99
C LYS B 125 -2.92 -38.36 -11.36
N THR B 126 -3.77 -37.58 -12.02
CA THR B 126 -5.08 -37.23 -11.48
C THR B 126 -5.92 -38.47 -11.21
N GLY B 127 -6.38 -38.59 -9.96
CA GLY B 127 -7.20 -39.73 -9.56
C GLY B 127 -6.45 -40.73 -8.71
N ASP B 128 -5.13 -40.68 -8.75
CA ASP B 128 -4.30 -41.59 -7.96
C ASP B 128 -4.48 -41.33 -6.47
N THR B 129 -4.42 -42.40 -5.68
CA THR B 129 -4.64 -42.30 -4.25
C THR B 129 -3.45 -42.81 -3.44
N LEU B 130 -3.36 -42.36 -2.21
CA LEU B 130 -2.31 -42.81 -1.29
C LEU B 130 -2.90 -42.93 0.12
N ASP B 131 -3.07 -44.15 0.58
CA ASP B 131 -3.66 -44.41 1.90
C ASP B 131 -2.67 -44.04 3.01
N ILE B 132 -3.17 -43.36 4.04
CA ILE B 132 -2.34 -42.99 5.17
C ILE B 132 -2.90 -43.54 6.49
N GLY B 133 -3.96 -44.34 6.36
CA GLY B 133 -4.54 -45.00 7.52
C GLY B 133 -5.73 -44.27 8.12
N ASN B 134 -6.37 -44.93 9.09
CA ASN B 134 -7.53 -44.39 9.80
C ASN B 134 -8.68 -43.98 8.86
N GLY B 135 -8.81 -44.70 7.75
CA GLY B 135 -9.89 -44.46 6.80
C GLY B 135 -9.67 -43.24 5.95
N LYS B 136 -8.47 -42.65 6.03
CA LYS B 136 -8.16 -41.45 5.27
C LYS B 136 -7.14 -41.73 4.18
N GLN B 137 -7.17 -40.91 3.12
CA GLN B 137 -6.24 -41.07 2.01
C GLN B 137 -6.01 -39.74 1.29
N LEU B 138 -4.92 -39.66 0.55
CA LEU B 138 -4.61 -38.49 -0.25
C LEU B 138 -4.98 -38.73 -1.72
N ILE B 139 -5.63 -37.75 -2.33
CA ILE B 139 -5.99 -37.83 -3.74
C ILE B 139 -5.28 -36.74 -4.53
N PHE B 140 -4.59 -37.12 -5.59
CA PHE B 140 -3.80 -36.19 -6.37
C PHE B 140 -4.56 -35.67 -7.59
N VAL B 141 -4.42 -34.38 -7.85
CA VAL B 141 -5.04 -33.76 -9.02
C VAL B 141 -4.03 -32.89 -9.76
N GLU B 142 -3.71 -33.29 -11.00
CA GLU B 142 -2.74 -32.56 -11.81
C GLU B 142 -3.29 -31.21 -12.29
N THR B 143 -2.50 -30.16 -12.13
CA THR B 143 -2.86 -28.84 -12.65
C THR B 143 -1.72 -28.22 -13.47
N PRO B 144 -1.41 -28.82 -14.63
CA PRO B 144 -0.30 -28.34 -15.46
C PRO B 144 -0.52 -26.91 -15.95
N MET B 145 0.56 -26.13 -15.97
CA MET B 145 0.54 -24.72 -16.38
C MET B 145 -0.37 -23.89 -15.48
N LEU B 146 -0.50 -24.32 -14.23
CA LEU B 146 -1.16 -23.53 -13.20
C LEU B 146 -0.33 -23.51 -11.91
N HIS B 147 0.80 -22.79 -11.91
CA HIS B 147 1.22 -21.98 -13.05
C HIS B 147 2.42 -22.61 -13.78
N TRP B 148 2.81 -23.80 -13.33
CA TRP B 148 3.94 -24.52 -13.92
C TRP B 148 3.50 -25.88 -14.46
N PRO B 149 4.32 -26.47 -15.35
CA PRO B 149 4.06 -27.82 -15.86
C PRO B 149 4.02 -28.89 -14.76
N ASP B 150 4.69 -28.64 -13.64
CA ASP B 150 4.82 -29.63 -12.59
C ASP B 150 3.74 -29.50 -11.51
N SER B 151 2.92 -28.46 -11.64
CA SER B 151 1.95 -28.12 -10.60
C SER B 151 0.86 -29.16 -10.42
N MET B 152 0.50 -29.42 -9.16
CA MET B 152 -0.61 -30.29 -8.83
C MET B 152 -1.21 -29.93 -7.47
N MET B 153 -2.36 -30.51 -7.16
CA MET B 153 -2.98 -30.32 -5.85
C MET B 153 -3.16 -31.66 -5.16
N THR B 154 -3.24 -31.63 -3.83
CA THR B 154 -3.45 -32.84 -3.06
C THR B 154 -4.68 -32.70 -2.17
N TYR B 155 -5.59 -33.65 -2.28
CA TYR B 155 -6.81 -33.65 -1.48
C TYR B 155 -6.78 -34.71 -0.39
N LEU B 156 -7.10 -34.32 0.84
CA LEU B 156 -7.15 -35.26 1.95
C LEU B 156 -8.58 -35.61 2.31
N THR B 157 -8.93 -36.88 2.18
CA THR B 157 -10.28 -37.34 2.48
C THR B 157 -10.53 -37.34 3.99
N GLY B 158 -11.81 -37.33 4.36
CA GLY B 158 -12.18 -37.30 5.76
C GLY B 158 -12.12 -35.90 6.32
N ASP B 159 -10.91 -35.35 6.44
CA ASP B 159 -10.72 -34.00 6.93
C ASP B 159 -11.19 -32.97 5.90
N ALA B 160 -11.30 -33.42 4.64
CA ALA B 160 -11.77 -32.59 3.54
C ALA B 160 -10.92 -31.32 3.40
N VAL B 161 -9.61 -31.49 3.31
CA VAL B 161 -8.69 -30.37 3.15
C VAL B 161 -7.99 -30.42 1.80
N LEU B 162 -8.12 -29.35 1.02
CA LEU B 162 -7.47 -29.26 -0.28
C LEU B 162 -6.16 -28.48 -0.19
N PHE B 163 -5.05 -29.16 -0.43
CA PHE B 163 -3.76 -28.51 -0.51
C PHE B 163 -3.52 -28.06 -1.95
N SER B 164 -3.74 -26.77 -2.21
CA SER B 164 -3.77 -26.25 -3.57
C SER B 164 -2.47 -25.57 -3.99
N ASN B 165 -1.48 -25.57 -3.09
CA ASN B 165 -0.20 -24.93 -3.34
C ASN B 165 -0.37 -23.45 -3.71
N ASP B 166 0.18 -23.03 -4.85
CA ASP B 166 0.13 -21.62 -5.25
C ASP B 166 -1.29 -21.11 -5.47
N ALA B 167 -2.15 -21.98 -6.01
CA ALA B 167 -3.53 -21.61 -6.31
C ALA B 167 -4.29 -21.15 -5.07
N PHE B 168 -5.08 -20.08 -5.24
CA PHE B 168 -5.88 -19.48 -4.17
C PHE B 168 -5.03 -18.89 -3.04
N GLY B 169 -3.71 -18.86 -3.24
CA GLY B 169 -2.82 -18.31 -2.24
C GLY B 169 -2.50 -16.85 -2.50
N GLN B 170 -1.76 -16.24 -1.58
CA GLN B 170 -1.38 -14.84 -1.72
C GLN B 170 -0.16 -14.51 -0.85
N HIS B 171 0.56 -13.46 -1.21
CA HIS B 171 1.72 -13.03 -0.44
C HIS B 171 1.29 -12.07 0.68
N TYR B 172 0.93 -12.64 1.82
CA TYR B 172 0.48 -11.86 2.97
C TYR B 172 0.96 -12.51 4.25
N CYS B 173 1.78 -11.79 5.01
CA CYS B 173 2.36 -12.36 6.23
C CYS B 173 1.62 -11.90 7.48
N ASP B 174 1.29 -12.86 8.33
CA ASP B 174 0.57 -12.59 9.58
C ASP B 174 0.81 -13.71 10.58
N GLU B 175 0.75 -13.39 11.86
CA GLU B 175 0.94 -14.40 12.90
C GLU B 175 -0.24 -15.36 12.95
N HIS B 176 -1.42 -14.87 12.58
CA HIS B 176 -2.61 -15.71 12.52
C HIS B 176 -2.62 -16.50 11.23
N LEU B 177 -3.11 -17.74 11.30
CA LEU B 177 -3.03 -18.67 10.19
C LEU B 177 -4.28 -18.68 9.31
N PHE B 178 -5.44 -18.40 9.90
CA PHE B 178 -6.70 -18.56 9.19
C PHE B 178 -7.27 -17.24 8.64
N ASN B 179 -8.05 -17.36 7.58
CA ASN B 179 -8.55 -16.20 6.84
C ASN B 179 -9.48 -15.29 7.64
N ASP B 180 -10.20 -15.87 8.58
CA ASP B 180 -11.15 -15.10 9.39
C ASP B 180 -10.46 -14.38 10.55
N GLU B 181 -9.15 -14.55 10.64
CA GLU B 181 -8.37 -13.97 11.74
C GLU B 181 -7.54 -12.76 11.30
N VAL B 182 -7.59 -12.42 10.02
CA VAL B 182 -6.77 -11.34 9.50
C VAL B 182 -7.62 -10.22 8.88
N ASP B 183 -6.98 -9.12 8.53
CA ASP B 183 -7.66 -8.00 7.89
C ASP B 183 -8.12 -8.38 6.49
N GLN B 184 -9.42 -8.29 6.26
CA GLN B 184 -10.03 -8.75 5.01
C GLN B 184 -9.61 -7.93 3.79
N THR B 185 -9.51 -6.62 3.95
CA THR B 185 -9.14 -5.75 2.83
C THR B 185 -7.73 -6.04 2.33
N GLU B 186 -6.78 -6.11 3.25
CA GLU B 186 -5.40 -6.43 2.90
C GLU B 186 -5.32 -7.81 2.26
N LEU B 187 -6.14 -8.74 2.74
CA LEU B 187 -6.19 -10.09 2.19
C LEU B 187 -6.66 -10.09 0.74
N PHE B 188 -7.75 -9.38 0.50
CA PHE B 188 -8.32 -9.27 -0.85
C PHE B 188 -7.33 -8.61 -1.81
N GLU B 189 -6.67 -7.55 -1.34
CA GLU B 189 -5.73 -6.80 -2.17
C GLU B 189 -4.57 -7.69 -2.62
N GLN B 190 -4.05 -8.49 -1.70
CA GLN B 190 -2.93 -9.37 -1.99
C GLN B 190 -3.36 -10.54 -2.88
N CYS B 191 -4.61 -10.96 -2.73
CA CYS B 191 -5.15 -12.04 -3.56
C CYS B 191 -5.24 -11.62 -5.03
N GLN B 192 -5.82 -10.44 -5.26
CA GLN B 192 -6.00 -9.93 -6.62
C GLN B 192 -4.66 -9.52 -7.23
N ARG B 193 -3.77 -9.03 -6.39
CA ARG B 193 -2.42 -8.65 -6.82
C ARG B 193 -1.67 -9.89 -7.29
N TYR B 194 -1.92 -11.00 -6.61
CA TYR B 194 -1.26 -12.26 -6.93
C TYR B 194 -1.75 -12.83 -8.26
N TYR B 195 -3.06 -12.85 -8.46
CA TYR B 195 -3.64 -13.38 -9.69
C TYR B 195 -3.24 -12.55 -10.90
N ALA B 196 -3.32 -11.23 -10.76
CA ALA B 196 -3.09 -10.31 -11.88
C ALA B 196 -1.68 -10.42 -12.44
N ASN B 197 -0.70 -10.64 -11.57
CA ASN B 197 0.70 -10.65 -11.98
C ASN B 197 1.25 -12.02 -12.30
N ILE B 198 0.53 -13.07 -11.92
CA ILE B 198 1.02 -14.44 -12.07
C ILE B 198 0.14 -15.32 -12.95
N LEU B 199 -1.15 -15.35 -12.65
CA LEU B 199 -2.06 -16.33 -13.27
C LEU B 199 -2.86 -15.79 -14.43
N THR B 200 -2.69 -14.51 -14.75
CA THR B 200 -3.41 -13.89 -15.86
C THR B 200 -3.24 -14.60 -17.21
N PRO B 201 -2.00 -14.98 -17.59
CA PRO B 201 -1.89 -15.64 -18.90
C PRO B 201 -2.46 -17.06 -18.93
N PHE B 202 -2.78 -17.63 -17.77
CA PHE B 202 -3.30 -18.99 -17.72
C PHE B 202 -4.79 -19.01 -17.35
N SER B 203 -5.47 -17.88 -17.56
CA SER B 203 -6.88 -17.75 -17.19
C SER B 203 -7.78 -18.73 -17.95
N ARG B 204 -7.39 -19.09 -19.17
CA ARG B 204 -8.18 -20.03 -19.96
C ARG B 204 -8.17 -21.43 -19.39
N LEU B 205 -7.20 -21.71 -18.52
CA LEU B 205 -7.06 -23.04 -17.92
C LEU B 205 -7.71 -23.12 -16.55
N VAL B 206 -7.93 -21.97 -15.92
CA VAL B 206 -8.46 -21.91 -14.57
C VAL B 206 -9.89 -22.46 -14.47
N THR B 207 -10.76 -21.98 -15.35
CA THR B 207 -12.17 -22.37 -15.33
C THR B 207 -12.41 -23.86 -15.59
N PRO B 208 -11.78 -24.44 -16.64
CA PRO B 208 -12.02 -25.88 -16.85
C PRO B 208 -11.48 -26.76 -15.73
N LYS B 209 -10.40 -26.33 -15.09
CA LYS B 209 -9.78 -27.12 -14.02
C LYS B 209 -10.64 -27.10 -12.75
N ILE B 210 -11.16 -25.93 -12.42
CA ILE B 210 -12.05 -25.80 -11.27
C ILE B 210 -13.32 -26.59 -11.50
N THR B 211 -13.82 -26.55 -12.74
CA THR B 211 -14.99 -27.33 -13.13
C THR B 211 -14.73 -28.82 -12.97
N GLU B 212 -13.52 -29.26 -13.33
CA GLU B 212 -13.12 -30.65 -13.19
C GLU B 212 -13.09 -31.09 -11.73
N ILE B 213 -12.51 -30.24 -10.88
CA ILE B 213 -12.42 -30.53 -9.45
C ILE B 213 -13.80 -30.62 -8.80
N LEU B 214 -14.68 -29.69 -9.13
CA LEU B 214 -16.04 -29.70 -8.59
C LEU B 214 -16.81 -30.93 -9.03
N GLY B 215 -16.42 -31.49 -10.18
CA GLY B 215 -17.05 -32.68 -10.70
C GLY B 215 -16.76 -33.92 -9.86
N PHE B 216 -15.70 -33.87 -9.08
CA PHE B 216 -15.31 -35.00 -8.23
C PHE B 216 -16.26 -35.14 -7.04
N ASN B 217 -17.08 -34.13 -6.81
CA ASN B 217 -18.04 -34.11 -5.71
C ASN B 217 -17.38 -34.33 -4.35
N LEU B 218 -16.20 -33.76 -4.17
CA LEU B 218 -15.47 -33.88 -2.92
C LEU B 218 -15.74 -32.68 -2.01
N PRO B 219 -16.14 -32.94 -0.77
CA PRO B 219 -16.41 -31.88 0.22
C PRO B 219 -15.14 -31.09 0.54
N VAL B 220 -15.26 -29.78 0.67
CA VAL B 220 -14.12 -28.93 0.99
C VAL B 220 -14.39 -28.12 2.25
N ASP B 221 -13.75 -28.51 3.35
CA ASP B 221 -13.88 -27.78 4.60
C ASP B 221 -12.83 -26.68 4.71
N MET B 222 -11.62 -26.99 4.24
CA MET B 222 -10.52 -26.03 4.25
C MET B 222 -9.71 -26.09 2.96
N ILE B 223 -9.15 -24.95 2.58
CA ILE B 223 -8.20 -24.90 1.47
C ILE B 223 -6.85 -24.39 1.97
N ALA B 224 -5.89 -25.31 2.08
CA ALA B 224 -4.57 -24.97 2.60
C ALA B 224 -3.58 -24.69 1.47
N THR B 225 -3.35 -23.40 1.21
CA THR B 225 -2.44 -22.98 0.16
C THR B 225 -1.00 -23.05 0.61
N SER B 226 -0.07 -22.66 -0.27
CA SER B 226 1.35 -22.64 0.05
C SER B 226 1.82 -21.23 0.41
N HIS B 227 0.94 -20.25 0.19
CA HIS B 227 1.26 -18.85 0.50
C HIS B 227 0.11 -18.17 1.24
N GLY B 228 0.42 -17.60 2.40
CA GLY B 228 -0.56 -16.82 3.13
C GLY B 228 -1.44 -17.62 4.06
N VAL B 229 -2.70 -17.23 4.14
CA VAL B 229 -3.64 -17.82 5.10
C VAL B 229 -4.24 -19.14 4.66
N VAL B 230 -4.75 -19.89 5.62
CA VAL B 230 -5.55 -21.08 5.34
C VAL B 230 -7.04 -20.70 5.32
N TRP B 231 -7.71 -21.02 4.23
CA TRP B 231 -9.13 -20.72 4.09
C TRP B 231 -9.98 -21.76 4.82
N ARG B 232 -10.60 -21.37 5.93
CA ARG B 232 -11.47 -22.28 6.67
C ARG B 232 -12.89 -21.74 6.78
N ASP B 233 -13.02 -20.41 6.83
CA ASP B 233 -14.34 -19.79 6.93
C ASP B 233 -14.87 -19.44 5.55
N ASN B 234 -15.88 -20.18 5.10
CA ASN B 234 -16.41 -20.07 3.74
C ASN B 234 -15.28 -20.13 2.71
N PRO B 235 -14.57 -21.27 2.64
CA PRO B 235 -13.33 -21.37 1.86
C PRO B 235 -13.55 -21.22 0.35
N THR B 236 -14.78 -21.42 -0.10
CA THR B 236 -15.07 -21.37 -1.53
C THR B 236 -15.19 -19.95 -2.06
N GLN B 237 -14.99 -18.96 -1.19
CA GLN B 237 -15.06 -17.56 -1.59
C GLN B 237 -13.90 -17.20 -2.53
N ILE B 238 -12.74 -17.80 -2.28
CA ILE B 238 -11.56 -17.54 -3.10
C ILE B 238 -11.69 -18.25 -4.45
N VAL B 239 -12.44 -19.34 -4.48
CA VAL B 239 -12.68 -20.08 -5.71
C VAL B 239 -13.58 -19.29 -6.64
N GLU B 240 -14.58 -18.63 -6.07
CA GLU B 240 -15.51 -17.82 -6.85
C GLU B 240 -14.83 -16.58 -7.44
N LEU B 241 -13.91 -16.00 -6.67
CA LEU B 241 -13.13 -14.87 -7.16
C LEU B 241 -12.28 -15.28 -8.36
N TYR B 242 -11.70 -16.48 -8.28
CA TYR B 242 -10.90 -17.01 -9.37
C TYR B 242 -11.75 -17.23 -10.62
N LEU B 243 -12.99 -17.65 -10.44
CA LEU B 243 -13.91 -17.85 -11.56
C LEU B 243 -14.23 -16.52 -12.24
N LYS B 244 -14.41 -15.48 -11.44
CA LYS B 244 -14.70 -14.15 -11.97
C LYS B 244 -13.48 -13.54 -12.63
N TRP B 245 -12.32 -13.70 -12.01
CA TRP B 245 -11.08 -13.12 -12.50
C TRP B 245 -10.59 -13.79 -13.77
N ALA B 246 -10.94 -15.06 -13.95
CA ALA B 246 -10.46 -15.82 -15.11
C ALA B 246 -11.26 -15.52 -16.37
N ALA B 247 -12.45 -14.95 -16.21
CA ALA B 247 -13.33 -14.68 -17.34
C ALA B 247 -13.06 -13.33 -17.98
N ASP B 248 -11.79 -13.08 -18.33
CA ASP B 248 -11.36 -11.82 -18.93
C ASP B 248 -11.87 -10.62 -18.12
N TYR B 249 -11.54 -10.64 -16.83
CA TYR B 249 -12.06 -9.66 -15.87
C TYR B 249 -11.73 -8.22 -16.24
N GLN B 250 -12.74 -7.35 -16.09
CA GLN B 250 -12.56 -5.92 -16.30
C GLN B 250 -13.66 -5.13 -15.61
N GLU B 251 -13.29 -3.99 -15.04
CA GLU B 251 -14.26 -3.08 -14.44
C GLU B 251 -14.40 -1.85 -15.32
N ASP B 252 -15.32 -0.97 -14.98
CA ASP B 252 -15.43 0.30 -15.69
C ASP B 252 -14.29 1.20 -15.22
N ARG B 253 -13.10 0.90 -15.70
CA ARG B 253 -11.88 1.52 -15.21
C ARG B 253 -10.86 1.68 -16.33
N ILE B 254 -10.15 2.80 -16.33
CA ILE B 254 -9.11 3.05 -17.33
C ILE B 254 -7.80 3.42 -16.66
N THR B 255 -6.75 2.69 -16.98
CA THR B 255 -5.43 2.95 -16.39
C THR B 255 -4.53 3.70 -17.36
N ILE B 256 -3.95 4.79 -16.89
CA ILE B 256 -3.02 5.58 -17.70
C ILE B 256 -1.63 5.57 -17.08
N PHE B 257 -0.63 5.13 -17.83
CA PHE B 257 0.74 5.20 -17.35
C PHE B 257 1.69 5.67 -18.46
N TYR B 258 2.82 6.24 -18.04
CA TYR B 258 3.73 6.90 -18.96
C TYR B 258 5.12 7.06 -18.35
N ASP B 259 6.07 7.47 -19.18
CA ASP B 259 7.35 7.96 -18.70
C ASP B 259 7.65 9.29 -19.39
N THR B 260 8.37 10.17 -18.70
CA THR B 260 8.62 11.50 -19.23
C THR B 260 9.97 12.05 -18.78
N MET B 261 10.51 12.99 -19.55
CA MET B 261 11.79 13.61 -19.20
C MET B 261 11.61 15.06 -18.76
N TYR B 262 10.64 15.75 -19.37
CA TYR B 262 10.40 17.15 -19.04
C TYR B 262 8.93 17.42 -18.78
N ASN B 263 8.21 16.37 -18.39
CA ASN B 263 6.80 16.45 -17.97
C ASN B 263 5.84 16.83 -19.09
N ASN B 264 6.33 16.85 -20.34
CA ASN B 264 5.47 17.16 -21.48
C ASN B 264 4.42 16.08 -21.69
N THR B 265 4.84 14.83 -21.68
CA THR B 265 3.92 13.70 -21.82
C THR B 265 2.99 13.61 -20.61
N ARG B 266 3.51 13.98 -19.44
CA ARG B 266 2.71 14.02 -18.21
C ARG B 266 1.55 15.00 -18.34
N MET B 267 1.83 16.18 -18.87
CA MET B 267 0.80 17.19 -19.07
C MET B 267 -0.27 16.70 -20.04
N MET B 268 0.14 15.87 -20.99
CA MET B 268 -0.80 15.25 -21.92
C MET B 268 -1.68 14.25 -21.17
N ALA B 269 -1.06 13.46 -20.30
CA ALA B 269 -1.77 12.45 -19.53
C ALA B 269 -2.86 13.04 -18.64
N ASP B 270 -2.56 14.15 -17.98
CA ASP B 270 -3.52 14.81 -17.10
C ASP B 270 -4.70 15.37 -17.87
N ALA B 271 -4.44 15.87 -19.06
CA ALA B 271 -5.49 16.45 -19.90
C ALA B 271 -6.41 15.35 -20.43
N ILE B 272 -5.84 14.21 -20.77
CA ILE B 272 -6.62 13.07 -21.24
C ILE B 272 -7.59 12.59 -20.16
N ALA B 273 -7.08 12.47 -18.93
CA ALA B 273 -7.89 12.05 -17.79
C ALA B 273 -9.09 12.97 -17.56
N GLN B 274 -8.87 14.27 -17.63
CA GLN B 274 -9.93 15.25 -17.45
C GLN B 274 -11.03 15.09 -18.51
N GLY B 275 -10.62 14.83 -19.74
CA GLY B 275 -11.57 14.63 -20.83
C GLY B 275 -12.44 13.41 -20.60
N ILE B 276 -11.84 12.36 -20.05
CA ILE B 276 -12.57 11.14 -19.73
C ILE B 276 -13.57 11.37 -18.60
N ALA B 277 -13.08 11.96 -17.52
CA ALA B 277 -13.88 12.15 -16.31
C ALA B 277 -15.11 13.04 -16.54
N GLU B 278 -15.01 13.99 -17.46
CA GLU B 278 -16.11 14.90 -17.74
C GLU B 278 -17.02 14.36 -18.85
N THR B 279 -16.64 13.23 -19.41
CA THR B 279 -17.43 12.58 -20.45
C THR B 279 -18.17 11.37 -19.89
N ASP B 280 -17.48 10.61 -19.04
CA ASP B 280 -18.08 9.43 -18.40
C ASP B 280 -17.70 9.38 -16.92
N PRO B 281 -18.60 9.87 -16.06
CA PRO B 281 -18.39 9.91 -14.60
C PRO B 281 -18.38 8.52 -13.97
N ARG B 282 -18.84 7.52 -14.71
CA ARG B 282 -18.88 6.14 -14.20
C ARG B 282 -17.51 5.49 -14.20
N VAL B 283 -16.60 5.99 -15.02
CA VAL B 283 -15.28 5.38 -15.17
C VAL B 283 -14.30 5.84 -14.09
N ALA B 284 -13.63 4.89 -13.46
CA ALA B 284 -12.57 5.20 -12.52
C ALA B 284 -11.24 5.34 -13.27
N VAL B 285 -10.49 6.39 -12.96
CA VAL B 285 -9.25 6.66 -13.68
C VAL B 285 -8.04 6.66 -12.75
N LYS B 286 -7.01 5.92 -13.14
CA LYS B 286 -5.76 5.90 -12.39
C LYS B 286 -4.59 6.35 -13.28
N ILE B 287 -3.71 7.16 -12.72
CA ILE B 287 -2.54 7.65 -13.47
C ILE B 287 -1.24 7.29 -12.75
N PHE B 288 -0.30 6.74 -13.49
CA PHE B 288 0.99 6.34 -12.92
C PHE B 288 2.18 6.81 -13.76
N ASN B 289 3.23 7.25 -13.08
CA ASN B 289 4.53 7.44 -13.72
C ASN B 289 5.36 6.18 -13.46
N VAL B 290 5.68 5.46 -14.53
CA VAL B 290 6.31 4.14 -14.40
C VAL B 290 7.67 4.19 -13.71
N ALA B 291 8.30 5.36 -13.74
CA ALA B 291 9.61 5.54 -13.10
C ALA B 291 9.48 5.86 -11.62
N ARG B 292 8.25 6.19 -11.19
CA ARG B 292 8.02 6.64 -9.82
C ARG B 292 6.98 5.80 -9.10
N SER B 293 6.49 4.74 -9.74
CA SER B 293 5.40 3.95 -9.18
C SER B 293 5.77 2.47 -9.03
N ASP B 294 4.94 1.75 -8.29
CA ASP B 294 5.10 0.30 -8.14
C ASP B 294 4.58 -0.40 -9.39
N LYS B 295 5.46 -1.15 -10.04
CA LYS B 295 5.14 -1.80 -11.31
C LYS B 295 3.96 -2.77 -11.19
N ASN B 296 3.93 -3.53 -10.10
CA ASN B 296 2.90 -4.54 -9.92
C ASN B 296 1.54 -3.94 -9.61
N GLU B 297 1.54 -2.73 -9.04
CA GLU B 297 0.31 -2.01 -8.80
C GLU B 297 -0.30 -1.55 -10.12
N ILE B 298 0.57 -1.14 -11.05
CA ILE B 298 0.14 -0.75 -12.38
C ILE B 298 -0.51 -1.92 -13.10
N LEU B 299 0.15 -3.08 -13.07
CA LEU B 299 -0.33 -4.26 -13.77
C LEU B 299 -1.65 -4.77 -13.16
N THR B 300 -1.82 -4.60 -11.86
CA THR B 300 -3.05 -4.98 -11.20
C THR B 300 -4.20 -4.08 -11.69
N ASN B 301 -3.90 -2.80 -11.88
CA ASN B 301 -4.88 -1.86 -12.39
C ASN B 301 -5.24 -2.13 -13.85
N VAL B 302 -4.25 -2.53 -14.64
CA VAL B 302 -4.48 -2.91 -16.03
C VAL B 302 -5.41 -4.12 -16.09
N PHE B 303 -5.15 -5.08 -15.20
CA PHE B 303 -5.97 -6.28 -15.07
C PHE B 303 -7.43 -5.93 -14.76
N ARG B 304 -7.63 -4.88 -13.97
CA ARG B 304 -8.97 -4.45 -13.58
C ARG B 304 -9.59 -3.52 -14.61
N SER B 305 -8.79 -3.03 -15.55
CA SER B 305 -9.25 -2.00 -16.47
C SER B 305 -9.85 -2.55 -17.76
N LYS B 306 -10.82 -1.81 -18.31
CA LYS B 306 -11.41 -2.14 -19.58
C LYS B 306 -10.49 -1.69 -20.72
N GLY B 307 -9.62 -0.74 -20.41
CA GLY B 307 -8.68 -0.22 -21.40
C GLY B 307 -7.58 0.60 -20.76
N VAL B 308 -6.50 0.82 -21.51
CA VAL B 308 -5.37 1.59 -21.00
C VAL B 308 -4.90 2.63 -22.02
N LEU B 309 -4.24 3.68 -21.52
CA LEU B 309 -3.53 4.60 -22.39
C LEU B 309 -2.06 4.68 -21.97
N VAL B 310 -1.16 4.47 -22.92
CA VAL B 310 0.27 4.45 -22.62
C VAL B 310 1.00 5.61 -23.28
N GLY B 311 1.80 6.33 -22.49
CA GLY B 311 2.51 7.50 -22.98
C GLY B 311 4.02 7.35 -22.97
N THR B 312 4.67 7.92 -23.97
CA THR B 312 6.13 7.93 -24.02
C THR B 312 6.62 9.08 -24.90
N SER B 313 7.77 9.64 -24.53
CA SER B 313 8.43 10.65 -25.35
C SER B 313 9.38 9.95 -26.33
N THR B 314 9.76 10.65 -27.38
CA THR B 314 10.70 10.09 -28.34
C THR B 314 12.14 10.41 -27.91
N MET B 315 12.92 9.35 -27.73
CA MET B 315 14.32 9.49 -27.32
C MET B 315 15.18 8.62 -28.23
N ASN B 316 16.00 9.28 -29.04
CA ASN B 316 16.83 8.60 -30.04
C ASN B 316 16.00 7.73 -30.97
N ASN B 317 14.88 8.30 -31.43
CA ASN B 317 13.96 7.66 -32.38
C ASN B 317 13.22 6.44 -31.82
N VAL B 318 13.48 6.10 -30.57
CA VAL B 318 12.78 4.98 -29.95
C VAL B 318 12.05 5.44 -28.68
N MET B 319 11.33 4.52 -28.05
CA MET B 319 10.56 4.86 -26.85
C MET B 319 11.41 4.74 -25.59
N MET B 320 10.93 5.32 -24.50
CA MET B 320 11.60 5.22 -23.21
C MET B 320 11.65 3.76 -22.73
N PRO B 321 12.82 3.34 -22.22
CA PRO B 321 13.12 1.96 -21.84
C PRO B 321 12.18 1.35 -20.80
N LYS B 322 11.76 2.13 -19.82
CA LYS B 322 10.85 1.62 -18.80
C LYS B 322 9.49 1.27 -19.40
N ILE B 323 9.10 2.00 -20.44
CA ILE B 323 7.87 1.72 -21.16
C ILE B 323 8.03 0.46 -22.00
N ALA B 324 9.16 0.37 -22.69
CA ALA B 324 9.48 -0.80 -23.51
C ALA B 324 9.51 -2.07 -22.67
N GLY B 325 10.06 -1.96 -21.46
CA GLY B 325 10.11 -3.09 -20.54
C GLY B 325 8.74 -3.52 -20.07
N LEU B 326 7.89 -2.54 -19.75
CA LEU B 326 6.55 -2.83 -19.25
C LEU B 326 5.66 -3.44 -20.33
N VAL B 327 5.80 -2.95 -21.56
CA VAL B 327 5.04 -3.50 -22.68
C VAL B 327 5.44 -4.95 -22.96
N GLU B 328 6.73 -5.23 -22.83
CA GLU B 328 7.24 -6.59 -23.01
C GLU B 328 6.60 -7.55 -22.00
N GLU B 329 6.45 -7.08 -20.77
CA GLU B 329 5.88 -7.91 -19.71
C GLU B 329 4.39 -8.17 -19.94
N MET B 330 3.67 -7.13 -20.38
CA MET B 330 2.25 -7.28 -20.68
C MET B 330 2.03 -8.24 -21.85
N THR B 331 3.01 -8.31 -22.74
CA THR B 331 2.96 -9.23 -23.87
C THR B 331 2.99 -10.67 -23.39
N GLY B 332 3.61 -10.91 -22.23
CA GLY B 332 3.65 -12.22 -21.64
C GLY B 332 2.43 -12.56 -20.81
N LEU B 333 1.85 -11.55 -20.16
CA LEU B 333 0.67 -11.74 -19.32
C LEU B 333 -0.61 -12.03 -20.11
N ARG B 334 -0.62 -11.65 -21.39
CA ARG B 334 -1.73 -11.93 -22.29
C ARG B 334 -3.09 -11.42 -21.78
N PHE B 335 -3.19 -10.12 -21.55
CA PHE B 335 -4.49 -9.54 -21.17
C PHE B 335 -5.48 -9.70 -22.32
N ARG B 336 -6.74 -9.94 -22.01
CA ARG B 336 -7.76 -10.16 -23.03
C ARG B 336 -8.91 -9.17 -22.94
N ASN B 337 -9.55 -8.93 -24.09
CA ASN B 337 -10.71 -8.05 -24.20
C ASN B 337 -10.45 -6.65 -23.67
N LYS B 338 -9.23 -6.16 -23.89
CA LYS B 338 -8.87 -4.82 -23.46
C LYS B 338 -8.48 -3.94 -24.64
N ARG B 339 -8.67 -2.64 -24.49
CA ARG B 339 -8.34 -1.68 -25.53
C ARG B 339 -7.16 -0.81 -25.11
N ALA B 340 -6.51 -0.16 -26.06
CA ALA B 340 -5.38 0.69 -25.73
C ALA B 340 -5.19 1.82 -26.72
N SER B 341 -4.56 2.89 -26.26
CA SER B 341 -4.24 4.05 -27.08
C SER B 341 -2.89 4.62 -26.67
N ALA B 342 -2.00 4.83 -27.63
CA ALA B 342 -0.68 5.36 -27.36
C ALA B 342 -0.64 6.88 -27.53
N PHE B 343 0.17 7.54 -26.71
CA PHE B 343 0.34 8.99 -26.84
C PHE B 343 1.73 9.43 -26.38
N GLY B 344 2.04 10.71 -26.54
CA GLY B 344 3.31 11.24 -26.10
C GLY B 344 3.80 12.46 -26.87
N SER B 345 4.83 13.10 -26.33
CA SER B 345 5.40 14.31 -26.93
C SER B 345 6.69 13.99 -27.68
N HIS B 346 7.05 14.84 -28.63
CA HIS B 346 8.29 14.67 -29.39
C HIS B 346 8.93 16.00 -29.72
N GLY B 347 10.15 15.96 -30.26
CA GLY B 347 10.89 17.16 -30.56
C GLY B 347 10.85 17.57 -32.02
N TRP B 348 11.14 16.63 -32.92
CA TRP B 348 11.13 16.91 -34.35
C TRP B 348 10.44 15.83 -35.17
N SER B 349 11.13 14.73 -35.43
CA SER B 349 10.60 13.69 -36.30
C SER B 349 9.72 12.70 -35.55
N GLY B 350 9.96 12.56 -34.25
CA GLY B 350 9.18 11.64 -33.42
C GLY B 350 9.29 10.19 -33.88
N GLY B 351 8.22 9.43 -33.67
CA GLY B 351 8.18 8.05 -34.11
C GLY B 351 7.98 7.03 -33.00
N ALA B 352 8.20 7.45 -31.77
CA ALA B 352 8.12 6.53 -30.62
C ALA B 352 6.67 6.14 -30.32
N VAL B 353 5.74 7.05 -30.59
CA VAL B 353 4.33 6.79 -30.34
C VAL B 353 3.78 5.71 -31.27
N ASP B 354 4.12 5.81 -32.55
CA ASP B 354 3.73 4.79 -33.52
C ASP B 354 4.38 3.45 -33.19
N ARG B 355 5.63 3.51 -32.76
CA ARG B 355 6.38 2.33 -32.34
C ARG B 355 5.69 1.67 -31.14
N LEU B 356 5.27 2.48 -30.19
CA LEU B 356 4.58 2.01 -28.99
C LEU B 356 3.21 1.41 -29.32
N SER B 357 2.48 2.08 -30.20
CA SER B 357 1.14 1.64 -30.58
C SER B 357 1.17 0.26 -31.21
N THR B 358 2.20 0.00 -32.01
CA THR B 358 2.36 -1.30 -32.66
C THR B 358 2.61 -2.41 -31.64
N ARG B 359 3.47 -2.13 -30.66
CA ARG B 359 3.85 -3.13 -29.67
C ARG B 359 2.71 -3.42 -28.69
N LEU B 360 1.85 -2.44 -28.44
CA LEU B 360 0.67 -2.66 -27.61
C LEU B 360 -0.29 -3.61 -28.34
N GLN B 361 -0.36 -3.45 -29.66
CA GLN B 361 -1.15 -4.34 -30.49
C GLN B 361 -0.59 -5.76 -30.43
N ASP B 362 0.74 -5.85 -30.42
CA ASP B 362 1.42 -7.15 -30.30
C ASP B 362 1.13 -7.80 -28.95
N ALA B 363 0.86 -6.97 -27.94
CA ALA B 363 0.55 -7.46 -26.61
C ALA B 363 -0.89 -7.93 -26.48
N GLY B 364 -1.69 -7.68 -27.52
CA GLY B 364 -3.06 -8.18 -27.56
C GLY B 364 -4.13 -7.12 -27.36
N PHE B 365 -3.72 -5.86 -27.27
CA PHE B 365 -4.67 -4.77 -27.08
C PHE B 365 -5.34 -4.34 -28.38
N GLU B 366 -6.64 -4.06 -28.32
CA GLU B 366 -7.36 -3.49 -29.46
C GLU B 366 -7.06 -2.00 -29.54
N MET B 367 -6.34 -1.60 -30.58
CA MET B 367 -5.78 -0.25 -30.64
C MET B 367 -6.72 0.80 -31.21
N SER B 368 -6.81 1.93 -30.51
CA SER B 368 -7.50 3.11 -31.02
C SER B 368 -6.47 4.07 -31.57
N LEU B 369 -6.93 5.23 -32.05
CA LEU B 369 -6.04 6.21 -32.65
C LEU B 369 -5.05 6.77 -31.63
N SER B 370 -3.85 7.12 -32.10
CA SER B 370 -2.83 7.69 -31.22
C SER B 370 -2.96 9.20 -31.09
N LEU B 371 -2.28 9.76 -30.09
CA LEU B 371 -2.28 11.19 -29.86
C LEU B 371 -0.86 11.73 -29.77
N LYS B 372 -0.54 12.71 -30.60
CA LYS B 372 0.82 13.25 -30.65
C LYS B 372 0.85 14.75 -30.38
N ALA B 373 1.92 15.20 -29.74
CA ALA B 373 2.12 16.61 -29.47
C ALA B 373 3.60 16.98 -29.63
N LYS B 374 3.86 18.23 -29.94
CA LYS B 374 5.24 18.71 -30.13
C LYS B 374 5.68 19.57 -28.96
N TRP B 375 6.82 19.22 -28.37
CA TRP B 375 7.38 19.92 -27.21
C TRP B 375 6.36 20.03 -26.07
N ARG B 376 6.30 21.19 -25.45
N ARG B 376 6.30 21.18 -25.43
CA ARG B 376 5.32 21.43 -24.39
CA ARG B 376 5.33 21.41 -24.38
C ARG B 376 3.99 21.87 -24.97
C ARG B 376 4.00 21.87 -24.98
N PRO B 377 2.90 21.17 -24.63
CA PRO B 377 1.57 21.48 -25.14
C PRO B 377 1.06 22.83 -24.63
N ASP B 378 0.66 23.72 -25.53
CA ASP B 378 0.04 24.97 -25.12
C ASP B 378 -1.44 24.77 -24.84
N GLN B 379 -2.18 25.86 -24.66
CA GLN B 379 -3.59 25.79 -24.33
C GLN B 379 -4.40 25.08 -25.42
N ASP B 380 -4.06 25.34 -26.67
CA ASP B 380 -4.74 24.71 -27.81
C ASP B 380 -4.41 23.23 -27.89
N ALA B 381 -3.17 22.87 -27.60
CA ALA B 381 -2.73 21.49 -27.66
C ALA B 381 -3.35 20.67 -26.53
N LEU B 382 -3.51 21.29 -25.36
CA LEU B 382 -4.13 20.62 -24.23
C LEU B 382 -5.62 20.38 -24.48
N LYS B 383 -6.23 21.25 -25.28
CA LYS B 383 -7.62 21.06 -25.68
C LYS B 383 -7.74 19.79 -26.50
N LEU B 384 -6.79 19.57 -27.41
CA LEU B 384 -6.76 18.38 -28.24
C LEU B 384 -6.56 17.13 -27.39
N CYS B 385 -5.73 17.24 -26.36
CA CYS B 385 -5.49 16.12 -25.45
C CYS B 385 -6.74 15.81 -24.65
N ARG B 386 -7.41 16.86 -24.18
CA ARG B 386 -8.64 16.70 -23.41
C ARG B 386 -9.76 16.17 -24.29
N GLU B 387 -9.73 16.55 -25.56
CA GLU B 387 -10.70 16.06 -26.53
C GLU B 387 -10.45 14.59 -26.84
N HIS B 388 -9.18 14.19 -26.85
CA HIS B 388 -8.81 12.79 -27.07
C HIS B 388 -9.41 11.91 -25.99
N GLY B 389 -9.39 12.38 -24.76
CA GLY B 389 -9.98 11.67 -23.64
C GLY B 389 -11.48 11.51 -23.80
N ARG B 390 -12.12 12.54 -24.38
CA ARG B 390 -13.55 12.50 -24.63
C ARG B 390 -13.90 11.42 -25.66
N GLU B 391 -13.14 11.39 -26.75
CA GLU B 391 -13.37 10.42 -27.82
C GLU B 391 -13.14 8.99 -27.31
N ILE B 392 -12.13 8.84 -26.47
CA ILE B 392 -11.82 7.54 -25.87
C ILE B 392 -12.94 7.08 -24.95
N ALA B 393 -13.44 8.00 -24.14
CA ALA B 393 -14.51 7.69 -23.19
C ALA B 393 -15.78 7.23 -23.90
N ARG B 394 -16.10 7.89 -25.00
CA ARG B 394 -17.30 7.54 -25.79
C ARG B 394 -17.15 6.20 -26.49
N GLN B 395 -15.95 5.93 -27.01
CA GLN B 395 -15.69 4.68 -27.73
C GLN B 395 -15.67 3.47 -26.79
N TRP B 396 -15.10 3.65 -25.61
CA TRP B 396 -14.91 2.54 -24.67
C TRP B 396 -16.07 2.41 -23.69
N ALA B 397 -17.15 3.13 -23.94
CA ALA B 397 -18.30 3.11 -23.05
C ALA B 397 -18.96 1.73 -23.01
N LEU B 398 -19.14 1.20 -21.80
CA LEU B 398 -19.79 -0.09 -21.61
C LEU B 398 -21.30 0.06 -21.81
N ALA B 399 -21.81 1.25 -21.49
CA ALA B 399 -23.21 1.56 -21.64
C ALA B 399 -23.34 2.97 -22.22
N PRO B 400 -24.48 3.28 -22.88
CA PRO B 400 -24.71 4.63 -23.42
C PRO B 400 -24.49 5.74 -22.40
N LEU B 401 -24.26 6.97 -22.88
CA LEU B 401 -23.92 8.10 -22.03
C LEU B 401 -22.65 7.86 -21.24
N1 FMN C . 29.63 -6.55 18.81
C2 FMN C . 29.79 -5.93 20.03
O2 FMN C . 29.49 -6.52 21.07
N3 FMN C . 30.29 -4.64 20.10
C4 FMN C . 30.62 -3.97 18.95
O4 FMN C . 31.07 -2.83 19.01
C4A FMN C . 30.46 -4.59 17.71
N5 FMN C . 30.80 -3.92 16.55
C5A FMN C . 30.63 -4.54 15.33
C6 FMN C . 30.98 -3.87 14.16
C7 FMN C . 30.81 -4.48 12.93
C7M FMN C . 31.19 -3.74 11.67
C8 FMN C . 30.32 -5.78 12.85
C8M FMN C . 30.15 -6.45 11.53
C9 FMN C . 29.98 -6.45 14.02
C9A FMN C . 30.13 -5.84 15.26
N10 FMN C . 29.79 -6.51 16.42
C10 FMN C . 29.96 -5.89 17.64
C1' FMN C . 29.26 -7.91 16.37
C2' FMN C . 27.74 -7.95 16.15
O2' FMN C . 27.08 -7.21 17.15
C3' FMN C . 27.27 -9.41 16.16
O3' FMN C . 27.74 -10.05 14.99
C4' FMN C . 25.74 -9.53 16.22
O4' FMN C . 25.40 -10.77 16.77
C5' FMN C . 25.10 -9.39 14.85
O5' FMN C . 23.83 -8.81 14.97
P FMN C . 22.77 -8.80 13.76
O1P FMN C . 21.37 -8.78 14.34
O2P FMN C . 23.00 -7.58 12.90
O3P FMN C . 22.94 -10.06 12.94
FE FE D . -0.19 20.92 3.27
FE FE E . 1.21 22.18 6.38
O O F . 1.02 22.33 4.18
O1 OXY G . 1.08 19.03 5.73
O2 OXY G . 0.48 19.11 4.69
N1 FMN H . 12.65 14.27 -30.27
C2 FMN H . 12.39 13.63 -31.46
O2 FMN H . 11.43 13.97 -32.15
N3 FMN H . 13.20 12.60 -31.89
C4 FMN H . 14.27 12.19 -31.12
O4 FMN H . 14.98 11.27 -31.51
C4A FMN H . 14.54 12.83 -29.92
N5 FMN H . 15.61 12.43 -29.15
C5A FMN H . 15.87 13.07 -27.95
C6 FMN H . 16.95 12.67 -27.17
C7 FMN H . 17.23 13.30 -25.97
C7M FMN H . 18.40 12.87 -25.13
C8 FMN H . 16.42 14.34 -25.54
C8M FMN H . 16.70 15.04 -24.24
C9 FMN H . 15.33 14.74 -26.31
C9A FMN H . 15.05 14.11 -27.52
N10 FMN H . 13.98 14.50 -28.29
C10 FMN H . 13.73 13.87 -29.49
C1' FMN H . 13.09 15.63 -27.85
C2' FMN H . 12.01 15.17 -26.88
O2' FMN H . 11.25 14.12 -27.47
C3' FMN H . 11.11 16.36 -26.55
O3' FMN H . 11.82 17.20 -25.66
C4' FMN H . 9.80 15.93 -25.90
O4' FMN H . 8.83 16.92 -26.17
C5' FMN H . 9.93 15.79 -24.39
O5' FMN H . 9.09 14.76 -23.95
P FMN H . 8.80 14.55 -22.37
O1P FMN H . 7.36 14.13 -22.20
O2P FMN H . 9.73 13.49 -21.83
O3P FMN H . 9.02 15.84 -21.65
FE FE I . 4.91 -20.08 -4.59
FE FE J . 5.19 -21.02 -8.09
O O K . 5.89 -20.82 -6.19
O1 OXY L . 4.90 -18.28 -7.14
O2 OXY L . 4.45 -18.21 -6.03
#